data_5XOY
#
_entry.id   5XOY
#
_cell.length_a   132.778
_cell.length_b   69.927
_cell.length_c   118.094
_cell.angle_alpha   90.00
_cell.angle_beta   90.00
_cell.angle_gamma   90.00
#
_symmetry.space_group_name_H-M   'P 21 21 2'
#
loop_
_entity.id
_entity.type
_entity.pdbx_description
1 polymer '[LysW]-lysine hydrolase'
2 non-polymer LYSINE
3 non-polymer 'SULFATE ION'
4 water water
#
_entity_poly.entity_id   1
_entity_poly.type   'polypeptide(L)'
_entity_poly.pdbx_seq_one_letter_code
;MASWSHPQFEKGGSKSALDPVEFLKGALEIPSPSGKERLVAEYLAEGMQKLGLKGFVDEADNARGQVGEGPVQVVLLGHI
DTVPGQIPVRLEGGRLFGRGAVDAKGPFVAMIFAAAGLSEEARKRLTVHLVGATEEEAPSSKGARFVAPRLKPHYAVIGE
PSGWEGITLGYKGRLLVKARREKDHFHSAHHEPNAAEELISYFVAIKAWAEAMNVGQRPFDQVQYTLRDFRVHPAELRQV
AEMFFDLRLPPRLPPEEAIRHLTAYAPPTIELEFFGREVPYQGPKDTPLTRAFRQAIRKAGGRPVFKLKTGTSDMNVLAP
HWPVPMVAYGPGDSTLDHTPYEHVEVAEFLKGIEVLRGALEALAQTHAGEKEG
;
_entity_poly.pdbx_strand_id   A,B
#
# COMPACT_ATOMS: atom_id res chain seq x y z
N LEU A 18 -42.84 -1.21 -24.74
CA LEU A 18 -41.60 -1.19 -23.88
C LEU A 18 -41.54 0.10 -23.02
N ASP A 19 -41.42 -0.06 -21.71
CA ASP A 19 -41.39 1.12 -20.85
C ASP A 19 -39.92 1.55 -20.65
N PRO A 20 -39.62 2.83 -20.90
CA PRO A 20 -38.23 3.36 -20.73
C PRO A 20 -37.62 2.98 -19.38
N VAL A 21 -38.31 3.34 -18.30
CA VAL A 21 -37.72 3.10 -17.00
C VAL A 21 -37.55 1.61 -16.66
N GLU A 22 -38.52 0.80 -17.00
CA GLU A 22 -38.46 -0.63 -16.70
C GLU A 22 -37.37 -1.26 -17.59
N PHE A 23 -37.23 -0.78 -18.83
CA PHE A 23 -36.16 -1.26 -19.70
C PHE A 23 -34.76 -0.91 -19.12
N LEU A 24 -34.60 0.36 -18.73
CA LEU A 24 -33.36 0.75 -18.04
C LEU A 24 -33.12 -0.16 -16.84
N LYS A 25 -34.15 -0.33 -16.00
CA LYS A 25 -34.04 -1.13 -14.78
C LYS A 25 -33.50 -2.47 -15.09
N GLY A 26 -34.08 -3.08 -16.10
CA GLY A 26 -33.61 -4.43 -16.49
C GLY A 26 -32.18 -4.37 -16.98
N ALA A 27 -31.79 -3.27 -17.62
CA ALA A 27 -30.36 -3.10 -17.99
C ALA A 27 -29.45 -3.04 -16.75
N LEU A 28 -29.83 -2.24 -15.77
CA LEU A 28 -29.03 -2.16 -14.54
C LEU A 28 -28.88 -3.49 -13.85
N GLU A 29 -29.92 -4.32 -13.97
CA GLU A 29 -29.96 -5.61 -13.26
C GLU A 29 -29.01 -6.64 -13.84
N ILE A 30 -28.49 -6.37 -15.04
CA ILE A 30 -27.48 -7.22 -15.65
C ILE A 30 -26.04 -6.66 -15.41
N PRO A 31 -25.23 -7.33 -14.57
CA PRO A 31 -23.82 -6.84 -14.39
C PRO A 31 -23.05 -6.76 -15.71
N SER A 32 -22.36 -5.66 -15.93
CA SER A 32 -21.54 -5.51 -17.14
C SER A 32 -20.22 -4.82 -16.76
N PRO A 33 -19.45 -5.43 -15.84
CA PRO A 33 -18.11 -4.88 -15.62
C PRO A 33 -17.30 -5.03 -16.90
N SER A 34 -16.38 -4.09 -17.13
CA SER A 34 -15.54 -4.05 -18.32
C SER A 34 -15.02 -5.41 -18.70
N GLY A 35 -15.10 -5.73 -19.98
CA GLY A 35 -14.80 -7.08 -20.45
C GLY A 35 -15.95 -8.08 -20.37
N LYS A 36 -17.10 -7.74 -19.79
CA LYS A 36 -18.13 -8.78 -19.56
C LYS A 36 -19.46 -8.24 -19.90
N GLU A 37 -19.50 -7.56 -21.03
CA GLU A 37 -20.62 -6.73 -21.45
C GLU A 37 -21.64 -7.52 -22.30
N ARG A 38 -21.33 -8.77 -22.64
CA ARG A 38 -22.06 -9.50 -23.68
C ARG A 38 -23.55 -9.66 -23.31
N LEU A 39 -23.80 -10.21 -22.12
CA LEU A 39 -25.18 -10.39 -21.62
C LEU A 39 -26.00 -9.11 -21.76
N VAL A 40 -25.45 -7.96 -21.36
CA VAL A 40 -26.26 -6.74 -21.39
C VAL A 40 -26.38 -6.17 -22.78
N ALA A 41 -25.41 -6.49 -23.62
CA ALA A 41 -25.45 -6.03 -25.02
C ALA A 41 -26.62 -6.76 -25.72
N GLU A 42 -26.65 -8.07 -25.49
CA GLU A 42 -27.76 -8.97 -25.84
C GLU A 42 -29.10 -8.37 -25.48
N TYR A 43 -29.27 -8.05 -24.21
CA TYR A 43 -30.48 -7.42 -23.72
C TYR A 43 -30.74 -6.11 -24.43
N LEU A 44 -29.73 -5.27 -24.58
CA LEU A 44 -29.96 -3.99 -25.25
C LEU A 44 -30.33 -4.17 -26.75
N ALA A 45 -29.76 -5.17 -27.39
CA ALA A 45 -29.98 -5.43 -28.81
C ALA A 45 -31.42 -5.93 -29.04
N GLU A 46 -31.80 -6.95 -28.27
CA GLU A 46 -33.20 -7.34 -28.10
C GLU A 46 -34.14 -6.14 -28.05
N GLY A 47 -33.92 -5.28 -27.07
CA GLY A 47 -34.80 -4.13 -26.89
C GLY A 47 -34.86 -3.22 -28.11
N MET A 48 -33.75 -3.14 -28.84
CA MET A 48 -33.65 -2.24 -29.98
C MET A 48 -34.34 -2.86 -31.21
N GLN A 49 -34.23 -4.17 -31.35
CA GLN A 49 -35.08 -4.92 -32.29
C GLN A 49 -36.55 -4.56 -32.13
N LYS A 50 -37.08 -4.87 -30.93
CA LYS A 50 -38.47 -4.60 -30.56
C LYS A 50 -38.90 -3.21 -30.88
N LEU A 51 -38.00 -2.23 -30.74
CA LEU A 51 -38.37 -0.83 -30.95
C LEU A 51 -38.28 -0.41 -32.42
N GLY A 52 -37.93 -1.36 -33.30
CA GLY A 52 -37.70 -1.03 -34.72
C GLY A 52 -36.39 -0.27 -34.96
N LEU A 53 -35.32 -0.72 -34.31
CA LEU A 53 -34.02 -0.08 -34.40
C LEU A 53 -33.00 -1.11 -34.76
N LYS A 54 -33.45 -2.17 -35.38
CA LYS A 54 -32.57 -3.12 -36.05
C LYS A 54 -31.39 -3.52 -35.18
N GLY A 55 -31.68 -3.77 -33.91
CA GLY A 55 -30.68 -4.08 -32.93
C GLY A 55 -29.84 -5.29 -33.24
N PHE A 56 -28.55 -5.18 -32.94
CA PHE A 56 -27.62 -6.32 -32.94
C PHE A 56 -26.39 -6.06 -32.05
N VAL A 57 -25.59 -7.09 -31.90
CA VAL A 57 -24.34 -7.10 -31.20
C VAL A 57 -23.17 -7.27 -32.16
N ASP A 58 -22.22 -6.33 -32.15
CA ASP A 58 -21.07 -6.44 -33.09
C ASP A 58 -19.96 -7.29 -32.55
N GLU A 59 -18.91 -7.39 -33.33
CA GLU A 59 -17.78 -8.23 -32.97
C GLU A 59 -17.06 -7.79 -31.68
N ALA A 60 -17.12 -6.51 -31.35
CA ALA A 60 -16.49 -6.01 -30.11
C ALA A 60 -17.47 -6.08 -28.92
N ASP A 61 -18.62 -6.73 -29.18
CA ASP A 61 -19.68 -6.95 -28.20
C ASP A 61 -20.41 -5.71 -27.86
N ASN A 62 -20.37 -4.72 -28.75
CA ASN A 62 -21.14 -3.53 -28.57
C ASN A 62 -22.64 -3.81 -28.84
N ALA A 63 -23.50 -3.12 -28.11
CA ALA A 63 -24.90 -3.02 -28.45
C ALA A 63 -25.07 -2.07 -29.61
N ARG A 64 -25.65 -2.53 -30.72
CA ARG A 64 -25.82 -1.66 -31.90
C ARG A 64 -27.27 -1.53 -32.39
N GLY A 65 -27.55 -0.39 -32.98
CA GLY A 65 -28.87 -0.11 -33.43
C GLY A 65 -28.82 0.91 -34.51
N GLN A 66 -29.87 1.00 -35.30
CA GLN A 66 -29.84 1.96 -36.40
C GLN A 66 -31.23 2.33 -36.85
N VAL A 67 -31.43 3.62 -37.09
CA VAL A 67 -32.71 4.07 -37.58
C VAL A 67 -32.52 5.18 -38.60
N GLY A 68 -33.43 5.29 -39.56
CA GLY A 68 -33.41 6.41 -40.50
C GLY A 68 -32.76 6.01 -41.81
N GLU A 69 -32.85 6.88 -42.80
CA GLU A 69 -32.33 6.60 -44.15
C GLU A 69 -31.54 7.75 -44.75
N GLY A 70 -31.60 8.91 -44.09
CA GLY A 70 -31.13 10.16 -44.64
C GLY A 70 -29.64 10.28 -44.83
N PRO A 71 -29.21 11.29 -45.59
CA PRO A 71 -27.82 11.48 -45.93
C PRO A 71 -26.91 11.78 -44.71
N VAL A 72 -27.42 12.52 -43.72
CA VAL A 72 -26.58 12.99 -42.58
C VAL A 72 -26.52 11.96 -41.44
N GLN A 73 -25.31 11.42 -41.21
CA GLN A 73 -25.07 10.39 -40.20
C GLN A 73 -24.89 11.04 -38.82
N VAL A 74 -25.61 10.51 -37.84
CA VAL A 74 -25.53 10.97 -36.48
C VAL A 74 -25.19 9.76 -35.65
N VAL A 75 -24.10 9.83 -34.88
CA VAL A 75 -23.80 8.75 -33.96
C VAL A 75 -24.16 9.13 -32.53
N LEU A 76 -24.98 8.30 -31.90
CA LEU A 76 -25.27 8.40 -30.48
C LEU A 76 -24.50 7.24 -29.90
N LEU A 77 -23.38 7.57 -29.25
CA LEU A 77 -22.49 6.55 -28.73
C LEU A 77 -22.42 6.69 -27.22
N GLY A 78 -22.67 5.59 -26.53
CA GLY A 78 -22.67 5.55 -25.07
C GLY A 78 -21.80 4.40 -24.68
N HIS A 79 -21.79 4.04 -23.39
CA HIS A 79 -21.12 2.81 -23.05
C HIS A 79 -21.96 1.97 -22.12
N ILE A 80 -21.68 0.68 -22.15
CA ILE A 80 -22.53 -0.29 -21.54
C ILE A 80 -21.83 -1.11 -20.51
N ASP A 81 -20.50 -0.93 -20.40
CA ASP A 81 -19.76 -1.45 -19.28
C ASP A 81 -19.87 -0.47 -18.12
N THR A 82 -19.61 -0.96 -16.92
CA THR A 82 -19.55 -0.07 -15.75
C THR A 82 -18.31 -0.46 -14.99
N VAL A 83 -17.98 0.34 -13.98
CA VAL A 83 -17.01 -0.11 -12.99
C VAL A 83 -17.62 -1.21 -12.12
N PRO A 84 -16.78 -2.01 -11.48
CA PRO A 84 -17.32 -3.10 -10.68
C PRO A 84 -17.94 -2.66 -9.37
N GLY A 85 -18.65 -3.61 -8.73
CA GLY A 85 -19.46 -3.36 -7.53
C GLY A 85 -20.91 -3.17 -7.93
N GLN A 86 -21.73 -4.21 -7.80
CA GLN A 86 -23.16 -4.09 -8.15
C GLN A 86 -23.92 -3.41 -6.98
N ILE A 87 -24.78 -2.46 -7.33
CA ILE A 87 -25.71 -1.81 -6.42
C ILE A 87 -27.10 -2.49 -6.58
N PRO A 88 -27.73 -2.91 -5.47
CA PRO A 88 -29.06 -3.51 -5.63
C PRO A 88 -29.99 -2.58 -6.36
N VAL A 89 -30.64 -3.08 -7.41
CA VAL A 89 -31.43 -2.20 -8.24
C VAL A 89 -32.80 -2.00 -7.63
N ARG A 90 -33.26 -0.76 -7.51
CA ARG A 90 -34.61 -0.55 -6.98
C ARG A 90 -35.13 0.74 -7.44
N LEU A 91 -36.46 0.82 -7.48
CA LEU A 91 -37.15 2.05 -7.75
C LEU A 91 -37.74 2.50 -6.44
N GLU A 92 -37.46 3.75 -6.07
CA GLU A 92 -37.72 4.20 -4.71
C GLU A 92 -37.63 5.71 -4.59
N GLY A 93 -38.71 6.32 -4.14
CA GLY A 93 -38.77 7.74 -3.95
C GLY A 93 -38.53 8.51 -5.23
N GLY A 94 -38.93 7.95 -6.38
CA GLY A 94 -38.77 8.64 -7.67
C GLY A 94 -37.36 8.51 -8.28
N ARG A 95 -36.52 7.65 -7.68
CA ARG A 95 -35.13 7.48 -8.09
C ARG A 95 -34.88 6.05 -8.50
N LEU A 96 -34.14 5.86 -9.58
CA LEU A 96 -33.79 4.53 -9.97
C LEU A 96 -32.33 4.34 -9.64
N PHE A 97 -32.07 3.41 -8.72
CA PHE A 97 -30.73 3.11 -8.20
C PHE A 97 -30.11 1.96 -8.95
N GLY A 98 -28.82 2.02 -9.21
CA GLY A 98 -28.08 0.89 -9.78
C GLY A 98 -26.75 1.29 -10.40
N ARG A 99 -25.85 0.33 -10.49
CA ARG A 99 -24.61 0.55 -11.19
C ARG A 99 -24.85 0.81 -12.68
N GLY A 100 -24.49 2.01 -13.12
CA GLY A 100 -24.71 2.41 -14.50
C GLY A 100 -25.86 3.35 -14.69
N ALA A 101 -26.62 3.59 -13.61
CA ALA A 101 -27.81 4.43 -13.62
C ALA A 101 -27.53 5.76 -14.29
N VAL A 102 -26.36 6.27 -13.94
CA VAL A 102 -25.91 7.52 -14.44
C VAL A 102 -24.74 7.35 -15.40
N ASP A 103 -23.89 6.34 -15.17
CA ASP A 103 -22.65 6.14 -15.93
C ASP A 103 -22.53 4.69 -16.35
N ALA A 104 -23.13 4.34 -17.50
CA ALA A 104 -23.88 5.26 -18.36
C ALA A 104 -25.01 4.55 -19.15
N LYS A 105 -25.49 3.46 -18.62
CA LYS A 105 -26.67 2.78 -19.06
C LYS A 105 -27.86 3.72 -19.17
N GLY A 106 -28.04 4.55 -18.18
CA GLY A 106 -29.05 5.57 -18.27
C GLY A 106 -28.99 6.39 -19.53
N PRO A 107 -27.89 7.17 -19.74
CA PRO A 107 -27.81 7.94 -20.99
C PRO A 107 -28.00 7.11 -22.28
N PHE A 108 -27.50 5.89 -22.35
CA PHE A 108 -27.64 5.11 -23.57
C PHE A 108 -29.09 4.69 -23.81
N VAL A 109 -29.79 4.33 -22.74
CA VAL A 109 -31.19 3.92 -22.85
C VAL A 109 -32.01 5.13 -23.28
N ALA A 110 -31.65 6.30 -22.76
CA ALA A 110 -32.33 7.52 -23.14
C ALA A 110 -32.12 7.78 -24.62
N MET A 111 -30.98 7.34 -25.15
CA MET A 111 -30.67 7.51 -26.55
C MET A 111 -31.50 6.54 -27.39
N ILE A 112 -31.60 5.31 -26.92
CA ILE A 112 -32.42 4.30 -27.57
C ILE A 112 -33.86 4.81 -27.72
N PHE A 113 -34.49 5.22 -26.63
CA PHE A 113 -35.90 5.67 -26.70
C PHE A 113 -36.12 6.96 -27.46
N ALA A 114 -35.16 7.88 -27.39
CA ALA A 114 -35.26 9.10 -28.20
C ALA A 114 -35.25 8.73 -29.70
N ALA A 115 -34.46 7.73 -30.06
CA ALA A 115 -34.27 7.43 -31.45
C ALA A 115 -35.52 6.75 -31.93
N ALA A 116 -36.07 5.90 -31.06
CA ALA A 116 -37.25 5.11 -31.33
C ALA A 116 -38.50 5.94 -31.60
N GLY A 117 -38.52 7.22 -31.19
CA GLY A 117 -39.67 8.08 -31.41
C GLY A 117 -39.42 9.20 -32.39
N LEU A 118 -38.50 8.99 -33.31
CA LEU A 118 -38.19 10.02 -34.33
C LEU A 118 -39.30 10.15 -35.37
N SER A 119 -39.61 11.38 -35.74
CA SER A 119 -40.56 11.65 -36.82
C SER A 119 -40.07 10.97 -38.10
N GLU A 120 -41.02 10.55 -38.95
CA GLU A 120 -40.69 10.10 -40.31
C GLU A 120 -40.00 11.21 -41.13
N GLU A 121 -40.29 12.48 -40.86
CA GLU A 121 -39.56 13.60 -41.48
C GLU A 121 -38.06 13.53 -41.17
N ALA A 122 -37.73 13.41 -39.88
CA ALA A 122 -36.34 13.25 -39.46
C ALA A 122 -35.69 11.95 -39.98
N ARG A 123 -36.44 10.86 -40.08
CA ARG A 123 -35.88 9.58 -40.56
C ARG A 123 -35.50 9.60 -42.05
N LYS A 124 -35.87 10.66 -42.75
CA LYS A 124 -35.43 10.85 -44.13
C LYS A 124 -34.27 11.84 -44.23
N ARG A 125 -34.14 12.78 -43.30
CA ARG A 125 -32.98 13.69 -43.27
C ARG A 125 -31.75 12.97 -42.66
N LEU A 126 -31.95 12.23 -41.58
CA LEU A 126 -30.85 11.57 -40.86
C LEU A 126 -30.84 10.07 -41.04
N THR A 127 -29.64 9.52 -40.95
CA THR A 127 -29.45 8.14 -40.54
C THR A 127 -28.73 8.20 -39.15
N VAL A 128 -29.27 7.51 -38.16
CA VAL A 128 -28.84 7.63 -36.78
C VAL A 128 -28.32 6.29 -36.34
N HIS A 129 -27.03 6.20 -35.96
CA HIS A 129 -26.49 4.95 -35.45
C HIS A 129 -26.32 4.96 -33.92
N LEU A 130 -26.53 3.81 -33.31
CA LEU A 130 -26.56 3.70 -31.87
C LEU A 130 -25.45 2.78 -31.54
N VAL A 131 -24.58 3.21 -30.64
CA VAL A 131 -23.48 2.32 -30.18
C VAL A 131 -23.42 2.32 -28.67
N GLY A 132 -23.65 1.16 -28.08
CA GLY A 132 -23.43 0.94 -26.66
C GLY A 132 -22.07 0.31 -26.51
N ALA A 133 -21.04 1.16 -26.39
CA ALA A 133 -19.63 0.71 -26.45
C ALA A 133 -19.17 -0.13 -25.28
N THR A 134 -18.34 -1.12 -25.56
CA THR A 134 -17.68 -1.84 -24.54
C THR A 134 -16.36 -1.20 -24.05
N GLU A 135 -16.00 -1.62 -22.84
CA GLU A 135 -14.71 -1.32 -22.22
C GLU A 135 -14.44 0.18 -22.17
N GLU A 136 -15.44 1.06 -22.13
CA GLU A 136 -15.10 2.46 -21.93
C GLU A 136 -14.50 2.75 -20.55
N GLU A 137 -14.79 1.92 -19.54
CA GLU A 137 -14.25 2.18 -18.20
C GLU A 137 -12.80 1.67 -18.08
N ALA A 138 -12.36 0.94 -19.08
CA ALA A 138 -11.03 0.43 -19.09
C ALA A 138 -10.07 1.29 -19.98
N PRO A 139 -8.76 1.14 -19.77
CA PRO A 139 -7.77 1.82 -20.65
C PRO A 139 -8.03 1.60 -22.17
N SER A 140 -8.54 0.44 -22.56
CA SER A 140 -8.71 0.07 -23.99
C SER A 140 -9.68 0.96 -24.75
N SER A 141 -10.79 1.31 -24.13
CA SER A 141 -11.95 1.78 -24.88
C SER A 141 -12.15 0.97 -26.18
N LYS A 142 -11.93 -0.34 -26.11
CA LYS A 142 -12.05 -1.25 -27.24
C LYS A 142 -13.29 -1.01 -28.10
N GLY A 143 -14.44 -0.97 -27.43
CA GLY A 143 -15.70 -0.67 -28.04
C GLY A 143 -15.69 0.48 -29.01
N ALA A 144 -15.35 1.66 -28.53
CA ALA A 144 -15.44 2.84 -29.33
C ALA A 144 -14.38 2.81 -30.44
N ARG A 145 -13.28 2.13 -30.18
CA ARG A 145 -12.22 2.08 -31.17
C ARG A 145 -12.61 1.08 -32.23
N PHE A 146 -13.50 0.14 -31.91
CA PHE A 146 -13.98 -0.81 -32.93
C PHE A 146 -14.77 -0.09 -34.00
N VAL A 147 -15.66 0.79 -33.60
CA VAL A 147 -16.52 1.47 -34.56
C VAL A 147 -15.96 2.72 -35.20
N ALA A 148 -14.85 3.21 -34.66
CA ALA A 148 -14.29 4.46 -35.13
C ALA A 148 -14.06 4.47 -36.66
N PRO A 149 -13.36 3.47 -37.19
CA PRO A 149 -13.22 3.41 -38.63
C PRO A 149 -14.40 2.72 -39.36
N ARG A 150 -15.39 2.19 -38.62
CA ARG A 150 -16.54 1.57 -39.27
C ARG A 150 -17.74 2.48 -39.40
N LEU A 151 -17.63 3.77 -39.08
CA LEU A 151 -18.73 4.71 -39.25
C LEU A 151 -18.15 6.05 -39.59
N LYS A 152 -18.94 6.89 -40.25
CA LYS A 152 -18.48 8.17 -40.81
C LYS A 152 -19.46 9.26 -40.44
N PRO A 153 -19.48 9.63 -39.16
CA PRO A 153 -20.50 10.57 -38.71
C PRO A 153 -20.36 11.99 -39.20
N HIS A 154 -21.47 12.68 -39.34
CA HIS A 154 -21.46 14.12 -39.55
C HIS A 154 -21.56 14.81 -38.21
N TYR A 155 -22.21 14.13 -37.27
CA TYR A 155 -22.29 14.58 -35.89
C TYR A 155 -22.21 13.39 -34.95
N ALA A 156 -21.84 13.67 -33.71
CA ALA A 156 -21.72 12.61 -32.72
C ALA A 156 -22.11 13.14 -31.36
N VAL A 157 -22.82 12.30 -30.60
CA VAL A 157 -23.24 12.58 -29.24
C VAL A 157 -22.81 11.43 -28.38
N ILE A 158 -22.15 11.78 -27.28
CA ILE A 158 -21.56 10.84 -26.37
C ILE A 158 -22.44 10.80 -25.16
N GLY A 159 -22.77 9.58 -24.75
CA GLY A 159 -23.77 9.38 -23.72
C GLY A 159 -23.12 9.28 -22.37
N GLU A 160 -23.00 10.40 -21.72
CA GLU A 160 -22.41 10.48 -20.38
C GLU A 160 -23.19 11.53 -19.70
N PRO A 161 -23.30 11.43 -18.39
CA PRO A 161 -24.23 12.27 -17.68
C PRO A 161 -23.83 13.74 -17.67
N SER A 162 -24.55 14.55 -18.43
CA SER A 162 -24.38 15.97 -18.45
C SER A 162 -25.33 16.70 -17.56
N GLY A 163 -26.32 16.00 -17.00
CA GLY A 163 -27.52 16.67 -16.46
C GLY A 163 -28.45 16.99 -17.62
N TRP A 164 -29.76 16.96 -17.42
CA TRP A 164 -30.71 17.08 -18.52
C TRP A 164 -30.72 18.45 -19.15
N GLU A 165 -30.42 19.46 -18.34
CA GLU A 165 -30.29 20.82 -18.85
C GLU A 165 -28.85 21.12 -19.28
N GLY A 166 -27.98 20.11 -19.27
CA GLY A 166 -26.55 20.36 -19.43
C GLY A 166 -26.06 19.80 -20.76
N ILE A 167 -25.12 20.51 -21.37
CA ILE A 167 -24.46 20.01 -22.55
C ILE A 167 -22.95 20.14 -22.39
N THR A 168 -22.28 19.02 -22.57
CA THR A 168 -20.92 18.92 -22.19
C THR A 168 -20.06 19.10 -23.42
N LEU A 169 -19.24 20.15 -23.34
CA LEU A 169 -18.38 20.55 -24.45
C LEU A 169 -17.05 19.85 -24.40
N GLY A 170 -16.65 19.37 -23.22
CA GLY A 170 -15.30 18.83 -23.05
C GLY A 170 -15.05 17.90 -21.88
N TYR A 171 -14.04 17.06 -22.07
CA TYR A 171 -13.51 16.17 -21.07
C TYR A 171 -11.97 16.23 -21.10
N LYS A 172 -11.37 16.16 -19.91
CA LYS A 172 -9.91 16.13 -19.75
C LYS A 172 -9.33 14.89 -20.38
N GLY A 173 -8.08 14.96 -20.78
CA GLY A 173 -7.40 13.81 -21.33
C GLY A 173 -6.97 12.98 -20.13
N ARG A 174 -6.13 11.99 -20.36
CA ARG A 174 -5.76 11.05 -19.35
C ARG A 174 -4.36 10.45 -19.62
N LEU A 175 -3.71 10.01 -18.55
CA LEU A 175 -2.46 9.28 -18.65
C LEU A 175 -2.37 8.38 -17.45
N LEU A 176 -2.06 7.11 -17.67
CA LEU A 176 -1.80 6.16 -16.59
C LEU A 176 -0.34 5.81 -16.53
N VAL A 177 0.12 5.50 -15.34
CA VAL A 177 1.52 5.41 -15.08
C VAL A 177 1.76 4.28 -14.11
N LYS A 178 2.75 3.46 -14.40
CA LYS A 178 3.17 2.48 -13.45
C LYS A 178 4.61 2.86 -13.08
N ALA A 179 4.87 3.03 -11.78
CA ALA A 179 6.21 3.36 -11.28
C ALA A 179 6.72 2.19 -10.51
N ARG A 180 7.97 1.85 -10.68
CA ARG A 180 8.50 0.71 -10.04
C ARG A 180 9.89 1.04 -9.48
N ARG A 181 10.18 0.48 -8.32
CA ARG A 181 11.49 0.68 -7.74
C ARG A 181 11.95 -0.63 -7.14
N GLU A 182 13.19 -1.00 -7.44
CA GLU A 182 13.74 -2.31 -7.06
C GLU A 182 15.13 -2.12 -6.46
N LYS A 183 15.36 -2.71 -5.28
CA LYS A 183 16.52 -2.38 -4.42
C LYS A 183 17.18 -3.67 -3.85
N ASP A 184 17.85 -3.58 -2.69
CA ASP A 184 18.40 -4.73 -1.92
C ASP A 184 18.10 -4.50 -0.44
N HIS A 185 17.63 -5.51 0.29
N HIS A 185 17.68 -5.55 0.27
CA HIS A 185 17.29 -5.32 1.72
CA HIS A 185 17.36 -5.43 1.71
C HIS A 185 18.56 -5.34 2.58
C HIS A 185 18.58 -4.92 2.48
N GLU A 192 19.50 3.87 2.60
CA GLU A 192 18.72 3.67 3.82
C GLU A 192 17.20 3.44 3.56
N PRO A 193 16.41 4.45 3.17
CA PRO A 193 14.98 4.19 3.03
C PRO A 193 14.68 3.10 2.01
N ASN A 194 13.60 2.37 2.22
CA ASN A 194 13.30 1.21 1.42
C ASN A 194 12.60 1.61 0.12
N ALA A 195 12.37 0.63 -0.73
CA ALA A 195 11.74 0.88 -2.03
C ALA A 195 10.38 1.56 -1.93
N ALA A 196 9.60 1.16 -0.95
CA ALA A 196 8.28 1.73 -0.80
C ALA A 196 8.41 3.24 -0.49
N GLU A 197 9.28 3.56 0.46
CA GLU A 197 9.47 4.96 0.86
C GLU A 197 9.96 5.82 -0.28
N GLU A 198 10.75 5.22 -1.15
CA GLU A 198 11.33 5.98 -2.24
C GLU A 198 10.24 6.23 -3.26
N LEU A 199 9.36 5.26 -3.43
CA LEU A 199 8.19 5.53 -4.29
C LEU A 199 7.30 6.63 -3.70
N ILE A 200 7.15 6.67 -2.36
CA ILE A 200 6.43 7.76 -1.75
C ILE A 200 7.05 9.12 -2.08
N SER A 201 8.38 9.22 -1.99
CA SER A 201 9.05 10.50 -2.31
C SER A 201 8.71 10.94 -3.74
N TYR A 202 8.73 10.00 -4.68
CA TYR A 202 8.32 10.35 -6.03
C TYR A 202 6.91 10.85 -6.04
N PHE A 203 5.99 10.11 -5.42
CA PHE A 203 4.59 10.53 -5.40
C PHE A 203 4.41 11.94 -4.78
N VAL A 204 5.13 12.19 -3.70
CA VAL A 204 4.98 13.49 -3.04
C VAL A 204 5.50 14.61 -3.97
N ALA A 205 6.58 14.36 -4.71
CA ALA A 205 7.09 15.38 -5.65
C ALA A 205 6.15 15.63 -6.76
N ILE A 206 5.53 14.58 -7.29
CA ILE A 206 4.64 14.82 -8.41
C ILE A 206 3.38 15.55 -7.93
N LYS A 207 2.92 15.25 -6.72
CA LYS A 207 1.83 16.05 -6.13
C LYS A 207 2.13 17.53 -6.01
N ALA A 208 3.31 17.85 -5.49
CA ALA A 208 3.75 19.23 -5.32
C ALA A 208 3.87 19.91 -6.68
N TRP A 209 4.35 19.16 -7.66
CA TRP A 209 4.41 19.68 -9.05
C TRP A 209 3.02 20.06 -9.51
N ALA A 210 2.05 19.15 -9.32
CA ALA A 210 0.68 19.39 -9.83
C ALA A 210 0.03 20.59 -9.18
N GLU A 211 0.22 20.75 -7.87
CA GLU A 211 -0.30 21.92 -7.13
C GLU A 211 0.26 23.23 -7.69
N ALA A 212 1.57 23.24 -8.00
CA ALA A 212 2.17 24.46 -8.53
C ALA A 212 1.64 24.72 -9.91
N MET A 213 1.59 23.70 -10.76
CA MET A 213 0.97 23.85 -12.09
C MET A 213 -0.49 24.32 -12.07
N ASN A 214 -1.23 24.03 -10.99
CA ASN A 214 -2.66 24.34 -10.91
C ASN A 214 -3.04 25.68 -10.29
N VAL A 215 -2.09 26.39 -9.66
CA VAL A 215 -2.44 27.57 -8.95
C VAL A 215 -3.05 28.55 -9.96
N GLY A 216 -4.20 29.12 -9.65
CA GLY A 216 -4.86 30.07 -10.52
C GLY A 216 -5.67 29.53 -11.69
N GLN A 217 -5.83 28.20 -11.78
CA GLN A 217 -6.51 27.61 -12.94
C GLN A 217 -7.87 27.08 -12.54
N ARG A 218 -8.83 27.14 -13.43
CA ARG A 218 -10.14 26.54 -13.13
C ARG A 218 -10.02 25.04 -13.29
N PRO A 219 -10.95 24.29 -12.68
CA PRO A 219 -10.81 22.83 -12.65
C PRO A 219 -10.58 22.18 -13.97
N PHE A 220 -11.18 22.69 -15.04
CA PHE A 220 -10.97 22.05 -16.30
C PHE A 220 -9.51 22.17 -16.73
N ASP A 221 -8.87 23.26 -16.33
CA ASP A 221 -7.48 23.50 -16.71
C ASP A 221 -6.47 22.99 -15.69
N GLN A 222 -6.90 22.19 -14.72
CA GLN A 222 -6.00 21.63 -13.72
C GLN A 222 -5.59 20.25 -14.08
N VAL A 223 -4.40 19.88 -13.60
CA VAL A 223 -3.87 18.54 -13.69
C VAL A 223 -4.34 17.84 -12.44
N GLN A 224 -4.77 16.61 -12.57
CA GLN A 224 -5.28 15.87 -11.44
C GLN A 224 -4.42 14.64 -11.36
N TYR A 225 -3.97 14.29 -10.16
CA TYR A 225 -2.93 13.29 -9.98
C TYR A 225 -3.39 12.39 -8.84
N THR A 226 -3.71 11.13 -9.18
CA THR A 226 -4.32 10.21 -8.25
C THR A 226 -3.52 8.95 -8.12
N LEU A 227 -3.26 8.56 -6.88
CA LEU A 227 -2.71 7.22 -6.57
C LEU A 227 -3.78 6.13 -6.66
N ARG A 228 -3.67 5.20 -7.61
CA ARG A 228 -4.65 4.13 -7.80
C ARG A 228 -4.33 2.89 -6.96
N ASP A 229 -3.06 2.62 -6.80
CA ASP A 229 -2.66 1.42 -6.09
C ASP A 229 -1.21 1.55 -5.67
N PHE A 230 -0.85 0.82 -4.64
CA PHE A 230 0.50 0.89 -4.12
C PHE A 230 0.75 -0.51 -3.60
N ARG A 231 1.75 -1.14 -4.15
CA ARG A 231 2.00 -2.55 -3.87
C ARG A 231 3.43 -2.71 -3.38
N VAL A 232 3.55 -3.38 -2.23
CA VAL A 232 4.81 -3.57 -1.62
C VAL A 232 5.03 -5.08 -1.47
N HIS A 233 6.18 -5.57 -1.92
CA HIS A 233 6.47 -6.99 -1.95
C HIS A 233 7.68 -7.27 -1.07
N PRO A 234 7.47 -7.73 0.18
CA PRO A 234 8.64 -8.17 0.98
C PRO A 234 9.38 -9.39 0.43
N ARG A 238 15.40 -9.51 -2.87
CA ARG A 238 15.46 -8.05 -2.88
C ARG A 238 14.10 -7.41 -2.57
N GLN A 239 14.07 -6.08 -2.44
CA GLN A 239 12.79 -5.37 -2.19
C GLN A 239 12.31 -4.51 -3.37
N VAL A 240 11.00 -4.52 -3.54
CA VAL A 240 10.34 -4.07 -4.75
C VAL A 240 9.00 -3.47 -4.39
N ALA A 241 8.68 -2.38 -5.05
CA ALA A 241 7.42 -1.73 -4.82
C ALA A 241 7.00 -1.07 -6.09
N GLU A 242 5.68 -0.97 -6.28
CA GLU A 242 5.09 -0.31 -7.43
C GLU A 242 3.91 0.58 -7.05
N MET A 243 3.68 1.62 -7.84
CA MET A 243 2.55 2.49 -7.69
C MET A 243 1.92 2.59 -9.07
N PHE A 244 0.63 2.85 -9.08
CA PHE A 244 -0.05 3.14 -10.29
C PHE A 244 -0.71 4.47 -10.09
N PHE A 245 -0.59 5.34 -11.07
CA PHE A 245 -1.11 6.69 -10.95
C PHE A 245 -2.08 6.94 -12.06
N ASP A 246 -2.97 7.89 -11.88
CA ASP A 246 -3.98 8.18 -12.86
C ASP A 246 -4.01 9.66 -12.94
N LEU A 247 -3.61 10.19 -14.07
CA LEU A 247 -3.69 11.63 -14.25
C LEU A 247 -4.77 11.97 -15.20
N ARG A 248 -5.47 13.04 -14.88
CA ARG A 248 -6.38 13.70 -15.82
C ARG A 248 -5.78 15.01 -16.21
N LEU A 249 -5.86 15.31 -17.50
CA LEU A 249 -4.98 16.26 -18.15
C LEU A 249 -5.77 17.38 -18.77
N PRO A 250 -5.45 18.62 -18.41
CA PRO A 250 -6.08 19.77 -19.08
C PRO A 250 -5.56 19.96 -20.52
N PRO A 251 -6.28 20.72 -21.37
CA PRO A 251 -5.79 21.05 -22.73
C PRO A 251 -4.35 21.58 -22.78
N ARG A 252 -3.97 22.44 -21.84
CA ARG A 252 -2.59 22.92 -21.78
C ARG A 252 -1.57 21.86 -21.38
N LEU A 253 -1.97 20.61 -21.12
CA LEU A 253 -1.00 19.59 -20.70
C LEU A 253 -1.32 18.18 -21.18
N PRO A 254 -1.29 17.96 -22.51
CA PRO A 254 -1.70 16.64 -23.02
C PRO A 254 -0.73 15.52 -22.64
N PRO A 255 -1.06 14.30 -23.00
CA PRO A 255 -0.22 13.21 -22.53
C PRO A 255 1.29 13.31 -22.76
N GLU A 256 1.73 13.76 -23.91
CA GLU A 256 3.15 13.62 -24.18
C GLU A 256 3.90 14.72 -23.40
N GLU A 257 3.26 15.86 -23.20
CA GLU A 257 3.78 16.89 -22.33
C GLU A 257 3.87 16.44 -20.85
N ALA A 258 2.79 15.84 -20.34
CA ALA A 258 2.75 15.34 -18.97
C ALA A 258 3.79 14.26 -18.78
N ILE A 259 4.02 13.50 -19.82
CA ILE A 259 5.02 12.45 -19.72
C ILE A 259 6.43 13.06 -19.63
N ARG A 260 6.65 14.19 -20.30
CA ARG A 260 7.97 14.83 -20.26
C ARG A 260 8.27 15.34 -18.85
N HIS A 261 7.29 15.97 -18.18
CA HIS A 261 7.48 16.34 -16.79
C HIS A 261 7.77 15.17 -15.90
N LEU A 262 6.99 14.12 -16.03
CA LEU A 262 7.09 13.07 -15.04
C LEU A 262 8.37 12.31 -15.19
N THR A 263 8.84 12.14 -16.42
CA THR A 263 10.07 11.39 -16.58
C THR A 263 11.26 12.27 -16.22
N ALA A 264 11.12 13.58 -16.41
CA ALA A 264 12.18 14.50 -15.99
C ALA A 264 12.39 14.46 -14.45
N TYR A 265 11.30 14.26 -13.70
CA TYR A 265 11.39 14.29 -12.20
C TYR A 265 11.67 12.94 -11.62
N ALA A 266 11.87 11.94 -12.48
CA ALA A 266 12.19 10.60 -12.02
C ALA A 266 13.64 10.30 -12.31
N PRO A 267 14.40 9.97 -11.30
CA PRO A 267 15.74 9.57 -11.60
C PRO A 267 15.68 8.16 -12.27
N PRO A 268 16.77 7.73 -12.94
CA PRO A 268 16.76 6.46 -13.70
C PRO A 268 16.43 5.26 -12.82
N THR A 269 16.66 5.41 -11.54
CA THR A 269 16.38 4.38 -10.58
C THR A 269 14.88 4.13 -10.33
N ILE A 270 14.01 5.05 -10.75
CA ILE A 270 12.57 4.82 -10.70
C ILE A 270 12.05 4.63 -12.12
N GLU A 271 11.50 3.45 -12.41
CA GLU A 271 11.11 3.09 -13.80
C GLU A 271 9.65 3.42 -14.00
N LEU A 272 9.38 4.13 -15.07
CA LEU A 272 8.07 4.54 -15.39
C LEU A 272 7.54 3.80 -16.62
N GLU A 273 6.29 3.32 -16.56
CA GLU A 273 5.54 2.92 -17.76
C GLU A 273 4.28 3.73 -17.99
N PHE A 274 4.10 4.14 -19.22
CA PHE A 274 2.96 4.92 -19.63
C PHE A 274 2.01 4.10 -20.50
N PHE A 275 0.72 4.30 -20.24
CA PHE A 275 -0.35 3.68 -21.01
C PHE A 275 -1.63 4.47 -20.75
N GLY A 276 -2.68 4.14 -21.50
CA GLY A 276 -3.99 4.74 -21.33
C GLY A 276 -4.08 6.19 -21.72
N ARG A 277 -3.23 6.61 -22.66
CA ARG A 277 -3.13 8.02 -23.06
C ARG A 277 -4.37 8.46 -23.77
N GLU A 278 -4.95 9.59 -23.37
CA GLU A 278 -6.01 10.15 -24.14
C GLU A 278 -5.83 11.64 -24.16
N VAL A 279 -6.07 12.22 -25.33
CA VAL A 279 -5.95 13.61 -25.58
C VAL A 279 -7.11 14.34 -24.96
N PRO A 280 -6.87 15.51 -24.33
CA PRO A 280 -8.02 16.30 -23.90
C PRO A 280 -8.81 16.79 -25.10
N TYR A 281 -10.08 17.14 -24.90
CA TYR A 281 -10.93 17.64 -25.97
C TYR A 281 -11.82 18.71 -25.38
N GLN A 282 -12.03 19.77 -26.11
CA GLN A 282 -12.92 20.84 -25.69
C GLN A 282 -13.39 21.48 -26.97
N GLY A 283 -14.65 21.29 -27.30
CA GLY A 283 -15.19 21.70 -28.58
C GLY A 283 -15.83 23.05 -28.42
N PRO A 284 -16.13 23.73 -29.56
CA PRO A 284 -16.61 25.12 -29.54
C PRO A 284 -18.07 25.29 -29.11
N LYS A 285 -18.37 26.45 -28.52
CA LYS A 285 -19.70 26.71 -28.01
C LYS A 285 -20.81 26.80 -29.05
N ASP A 286 -20.47 27.09 -30.32
CA ASP A 286 -21.48 27.35 -31.33
C ASP A 286 -21.28 26.46 -32.55
N THR A 287 -22.29 25.64 -32.80
CA THR A 287 -22.20 24.49 -33.67
C THR A 287 -23.67 24.15 -34.02
N PRO A 288 -23.92 23.45 -35.14
CA PRO A 288 -25.32 23.03 -35.34
C PRO A 288 -25.83 22.04 -34.25
N LEU A 289 -25.00 21.06 -33.88
CA LEU A 289 -25.25 20.15 -32.74
C LEU A 289 -25.55 20.94 -31.48
N THR A 290 -24.67 21.85 -31.18
CA THR A 290 -24.81 22.65 -29.99
C THR A 290 -26.14 23.43 -30.02
N ARG A 291 -26.52 23.97 -31.18
CA ARG A 291 -27.70 24.83 -31.28
C ARG A 291 -28.97 23.99 -31.16
N ALA A 292 -28.91 22.82 -31.78
CA ALA A 292 -29.97 21.85 -31.70
C ALA A 292 -30.32 21.50 -30.24
N PHE A 293 -29.30 21.19 -29.45
CA PHE A 293 -29.51 20.82 -28.06
C PHE A 293 -30.01 21.98 -27.23
N ARG A 294 -29.61 23.20 -27.54
CA ARG A 294 -30.08 24.32 -26.73
C ARG A 294 -31.57 24.58 -26.99
N GLN A 295 -31.99 24.42 -28.23
CA GLN A 295 -33.41 24.53 -28.58
C GLN A 295 -34.23 23.40 -27.93
N ALA A 296 -33.80 22.16 -28.16
CA ALA A 296 -34.42 20.97 -27.57
C ALA A 296 -34.60 21.07 -26.08
N ILE A 297 -33.60 21.63 -25.41
CA ILE A 297 -33.62 21.83 -23.96
C ILE A 297 -34.63 22.91 -23.56
N ARG A 298 -34.62 24.03 -24.25
CA ARG A 298 -35.59 25.12 -24.00
C ARG A 298 -37.04 24.63 -24.21
N LYS A 299 -37.28 23.89 -25.30
CA LYS A 299 -38.61 23.38 -25.61
C LYS A 299 -39.05 22.37 -24.55
N ALA A 300 -38.12 21.63 -23.99
CA ALA A 300 -38.47 20.74 -22.89
C ALA A 300 -38.66 21.50 -21.57
N GLY A 301 -38.60 22.83 -21.63
CA GLY A 301 -38.88 23.66 -20.45
C GLY A 301 -37.69 23.95 -19.53
N GLY A 302 -36.46 23.73 -20.02
CA GLY A 302 -35.26 23.95 -19.21
C GLY A 302 -34.39 25.07 -19.73
N ARG A 303 -33.37 25.43 -18.94
CA ARG A 303 -32.35 26.45 -19.27
C ARG A 303 -31.00 25.79 -19.56
N PRO A 304 -30.59 25.73 -20.84
CA PRO A 304 -29.39 24.99 -21.22
C PRO A 304 -28.11 25.66 -20.72
N VAL A 305 -27.12 24.83 -20.33
CA VAL A 305 -25.88 25.26 -19.67
C VAL A 305 -24.70 24.43 -20.18
N PHE A 306 -23.70 25.13 -20.72
CA PHE A 306 -22.47 24.46 -21.14
C PHE A 306 -21.66 24.02 -19.96
N LYS A 307 -21.04 22.85 -20.10
CA LYS A 307 -20.26 22.25 -19.04
C LYS A 307 -18.96 21.69 -19.55
N LEU A 308 -17.94 21.80 -18.73
CA LEU A 308 -16.69 21.07 -18.94
C LEU A 308 -16.50 19.98 -17.85
N LYS A 309 -16.21 18.74 -18.21
CA LYS A 309 -16.21 17.67 -17.22
C LYS A 309 -14.76 17.32 -16.90
N THR A 310 -14.54 16.94 -15.66
CA THR A 310 -13.19 16.69 -15.18
C THR A 310 -12.77 15.26 -15.31
N GLY A 311 -13.66 14.36 -15.65
CA GLY A 311 -13.23 13.00 -15.97
C GLY A 311 -12.81 12.93 -17.43
N THR A 312 -12.75 11.69 -17.93
CA THR A 312 -12.41 11.36 -19.32
C THR A 312 -13.51 10.49 -19.94
N SER A 313 -13.67 10.52 -21.26
CA SER A 313 -14.79 9.81 -21.91
C SER A 313 -14.43 9.33 -23.28
N ASP A 314 -15.36 8.63 -23.92
CA ASP A 314 -15.13 8.21 -25.28
C ASP A 314 -15.10 9.37 -26.28
N MET A 315 -15.58 10.55 -25.87
CA MET A 315 -15.37 11.80 -26.61
C MET A 315 -13.87 12.03 -26.85
N ASN A 316 -13.07 11.81 -25.83
CA ASN A 316 -11.62 11.95 -25.97
C ASN A 316 -11.08 10.85 -26.87
N VAL A 317 -11.66 9.68 -26.82
CA VAL A 317 -11.13 8.60 -27.64
C VAL A 317 -11.49 8.86 -29.10
N LEU A 318 -12.57 9.59 -29.35
CA LEU A 318 -13.16 9.57 -30.66
C LEU A 318 -12.85 10.83 -31.45
N ALA A 319 -12.67 11.95 -30.78
CA ALA A 319 -12.27 13.20 -31.46
C ALA A 319 -11.13 13.02 -32.48
N PRO A 320 -10.08 12.30 -32.13
CA PRO A 320 -9.03 12.16 -33.12
C PRO A 320 -9.45 11.38 -34.36
N HIS A 321 -10.56 10.64 -34.29
CA HIS A 321 -10.96 9.86 -35.44
C HIS A 321 -12.08 10.55 -36.19
N TRP A 322 -12.92 11.31 -35.48
CA TRP A 322 -14.11 11.89 -36.05
C TRP A 322 -13.99 13.37 -35.90
N PRO A 323 -13.47 14.01 -36.93
CA PRO A 323 -13.24 15.45 -36.91
C PRO A 323 -14.51 16.22 -37.13
N VAL A 324 -15.51 15.99 -36.29
CA VAL A 324 -16.83 16.55 -36.55
C VAL A 324 -17.43 17.06 -35.27
N PRO A 325 -18.51 17.86 -35.37
CA PRO A 325 -19.02 18.40 -34.12
C PRO A 325 -19.56 17.31 -33.18
N MET A 326 -19.29 17.52 -31.89
CA MET A 326 -19.41 16.47 -30.92
C MET A 326 -19.71 17.13 -29.58
N VAL A 327 -20.67 16.55 -28.87
CA VAL A 327 -20.97 16.93 -27.49
C VAL A 327 -21.30 15.69 -26.71
N ALA A 328 -21.33 15.82 -25.39
CA ALA A 328 -21.79 14.73 -24.54
C ALA A 328 -23.07 15.17 -23.87
N TYR A 329 -24.00 14.22 -23.74
CA TYR A 329 -25.34 14.49 -23.17
C TYR A 329 -25.87 13.27 -22.51
N GLY A 330 -26.55 13.49 -21.39
CA GLY A 330 -27.32 12.45 -20.77
C GLY A 330 -27.91 12.91 -19.48
N PRO A 331 -29.08 12.34 -19.11
CA PRO A 331 -29.65 12.71 -17.81
C PRO A 331 -28.79 12.15 -16.72
N GLY A 332 -28.83 12.80 -15.57
CA GLY A 332 -28.12 12.31 -14.41
C GLY A 332 -27.00 13.25 -14.00
N ASP A 333 -26.65 13.14 -12.73
CA ASP A 333 -25.64 13.97 -12.08
C ASP A 333 -24.31 13.16 -12.02
N SER A 334 -23.29 13.65 -12.74
CA SER A 334 -21.98 12.95 -12.85
C SER A 334 -21.21 12.84 -11.54
N THR A 335 -21.57 13.62 -10.54
CA THR A 335 -20.98 13.43 -9.20
C THR A 335 -21.29 12.06 -8.57
N LEU A 336 -22.33 11.38 -9.07
CA LEU A 336 -22.63 10.01 -8.66
C LEU A 336 -21.85 8.94 -9.41
N ASP A 337 -21.04 9.31 -10.42
CA ASP A 337 -20.24 8.31 -11.10
C ASP A 337 -19.49 7.48 -10.07
N HIS A 338 -19.56 6.16 -10.20
CA HIS A 338 -18.71 5.26 -9.44
C HIS A 338 -19.03 5.20 -7.93
N THR A 339 -20.04 5.93 -7.46
CA THR A 339 -20.43 5.90 -6.05
C THR A 339 -21.35 4.74 -5.74
N PRO A 340 -21.45 4.38 -4.45
CA PRO A 340 -22.30 3.24 -4.07
C PRO A 340 -23.80 3.53 -3.97
N TYR A 341 -24.23 4.75 -4.23
CA TYR A 341 -25.64 5.14 -4.23
C TYR A 341 -26.04 5.72 -5.57
N GLU A 342 -25.36 5.27 -6.62
CA GLU A 342 -25.59 5.76 -7.97
C GLU A 342 -27.08 5.59 -8.31
N HIS A 343 -27.70 6.68 -8.75
CA HIS A 343 -29.05 6.63 -9.19
C HIS A 343 -29.31 7.78 -10.12
N VAL A 344 -30.37 7.68 -10.91
CA VAL A 344 -30.89 8.84 -11.64
C VAL A 344 -32.32 9.11 -11.16
N GLU A 345 -32.74 10.38 -11.09
CA GLU A 345 -34.15 10.71 -10.86
C GLU A 345 -34.96 10.33 -12.11
N VAL A 346 -36.07 9.62 -11.89
CA VAL A 346 -36.93 9.19 -13.01
C VAL A 346 -37.37 10.35 -13.88
N ALA A 347 -37.86 11.43 -13.26
CA ALA A 347 -38.36 12.55 -14.05
C ALA A 347 -37.25 13.05 -14.98
N GLU A 348 -36.03 13.20 -14.41
CA GLU A 348 -34.91 13.74 -15.14
C GLU A 348 -34.55 12.81 -16.33
N PHE A 349 -34.53 11.51 -16.08
CA PHE A 349 -34.28 10.53 -17.13
C PHE A 349 -35.23 10.70 -18.29
N LEU A 350 -36.51 10.92 -17.99
CA LEU A 350 -37.51 11.07 -19.05
C LEU A 350 -37.27 12.37 -19.80
N LYS A 351 -36.95 13.43 -19.07
CA LYS A 351 -36.56 14.66 -19.73
C LYS A 351 -35.32 14.43 -20.65
N GLY A 352 -34.46 13.50 -20.29
CA GLY A 352 -33.31 13.19 -21.11
C GLY A 352 -33.72 12.68 -22.46
N ILE A 353 -34.68 11.76 -22.44
CA ILE A 353 -35.29 11.19 -23.65
C ILE A 353 -35.87 12.29 -24.53
N GLU A 354 -36.68 13.13 -23.91
CA GLU A 354 -37.36 14.21 -24.58
C GLU A 354 -36.38 15.17 -25.27
N VAL A 355 -35.31 15.53 -24.55
CA VAL A 355 -34.31 16.49 -25.06
C VAL A 355 -33.56 15.91 -26.21
N LEU A 356 -33.18 14.65 -26.05
CA LEU A 356 -32.44 14.03 -27.10
C LEU A 356 -33.26 14.04 -28.36
N ARG A 357 -34.50 13.58 -28.25
CA ARG A 357 -35.38 13.46 -29.41
C ARG A 357 -35.54 14.81 -30.09
N GLY A 358 -35.81 15.86 -29.33
CA GLY A 358 -35.96 17.18 -29.88
C GLY A 358 -34.70 17.70 -30.54
N ALA A 359 -33.54 17.35 -30.02
CA ALA A 359 -32.30 17.84 -30.59
C ALA A 359 -32.07 17.15 -31.92
N LEU A 360 -32.24 15.84 -31.92
CA LEU A 360 -32.22 15.08 -33.15
C LEU A 360 -33.18 15.65 -34.19
N GLU A 361 -34.35 16.08 -33.71
CA GLU A 361 -35.40 16.69 -34.55
C GLU A 361 -34.95 18.04 -35.08
N ALA A 362 -34.33 18.83 -34.21
CA ALA A 362 -33.91 20.18 -34.57
C ALA A 362 -32.83 20.19 -35.63
N LEU A 363 -31.95 19.20 -35.63
CA LEU A 363 -30.92 19.22 -36.63
C LEU A 363 -31.29 18.48 -37.91
N ALA A 364 -32.40 17.75 -37.91
CA ALA A 364 -32.99 17.29 -39.16
C ALA A 364 -33.60 18.50 -39.87
N GLN A 365 -34.22 19.41 -39.12
CA GLN A 365 -34.75 20.65 -39.68
C GLN A 365 -33.67 21.55 -40.30
N THR A 366 -32.51 21.74 -39.65
CA THR A 366 -31.42 22.53 -40.29
C THR A 366 -30.83 21.88 -41.59
N HIS A 367 -31.19 20.64 -41.90
CA HIS A 367 -30.72 19.96 -43.10
C HIS A 367 -31.89 19.45 -43.94
N LEU B 18 32.87 -32.15 23.64
CA LEU B 18 31.90 -31.19 23.01
C LEU B 18 32.63 -29.91 22.59
N ASP B 19 32.70 -29.66 21.28
CA ASP B 19 33.47 -28.55 20.72
C ASP B 19 32.55 -27.33 20.46
N PRO B 20 32.96 -26.11 20.88
CA PRO B 20 32.17 -24.88 20.66
C PRO B 20 31.58 -24.74 19.25
N VAL B 21 32.45 -24.76 18.24
CA VAL B 21 31.99 -24.47 16.87
C VAL B 21 31.12 -25.58 16.25
N GLU B 22 31.42 -26.83 16.56
CA GLU B 22 30.58 -27.91 16.05
C GLU B 22 29.24 -27.87 16.78
N PHE B 23 29.18 -27.40 18.03
CA PHE B 23 27.89 -27.38 18.74
C PHE B 23 27.05 -26.22 18.14
N LEU B 24 27.68 -25.10 17.86
CA LEU B 24 26.99 -24.00 17.22
C LEU B 24 26.44 -24.42 15.88
N LYS B 25 27.28 -25.09 15.07
CA LYS B 25 26.88 -25.54 13.72
C LYS B 25 25.59 -26.33 13.75
N GLY B 26 25.51 -27.25 14.69
CA GLY B 26 24.32 -28.06 14.85
C GLY B 26 23.13 -27.25 15.33
N ALA B 27 23.40 -26.18 16.07
CA ALA B 27 22.34 -25.22 16.45
C ALA B 27 21.80 -24.50 15.23
N LEU B 28 22.71 -23.94 14.44
CA LEU B 28 22.35 -23.31 13.16
C LEU B 28 21.59 -24.22 12.19
N GLU B 29 21.86 -25.52 12.25
CA GLU B 29 21.23 -26.46 11.34
C GLU B 29 19.78 -26.73 11.73
N ILE B 30 19.40 -26.39 12.96
CA ILE B 30 18.01 -26.61 13.36
C ILE B 30 17.21 -25.32 13.17
N PRO B 31 16.32 -25.28 12.16
CA PRO B 31 15.54 -24.05 11.93
C PRO B 31 14.72 -23.70 13.17
N SER B 32 14.62 -22.40 13.49
CA SER B 32 13.86 -21.99 14.66
C SER B 32 13.19 -20.61 14.49
N PRO B 33 12.44 -20.46 13.40
CA PRO B 33 11.71 -19.22 13.27
C PRO B 33 10.85 -19.05 14.50
N SER B 34 10.55 -17.79 14.83
CA SER B 34 9.80 -17.47 16.02
C SER B 34 8.57 -18.35 16.12
N GLY B 35 8.31 -18.89 17.30
CA GLY B 35 7.16 -19.76 17.55
C GLY B 35 7.46 -21.25 17.37
N LYS B 36 8.63 -21.57 16.81
CA LYS B 36 8.91 -22.96 16.43
C LYS B 36 10.29 -23.35 16.93
N GLU B 37 10.55 -23.05 18.20
CA GLU B 37 11.89 -23.11 18.77
C GLU B 37 12.20 -24.41 19.50
N ARG B 38 11.15 -25.18 19.79
CA ARG B 38 11.26 -26.41 20.57
C ARG B 38 12.43 -27.30 20.16
N LEU B 39 12.54 -27.64 18.89
CA LEU B 39 13.60 -28.52 18.42
C LEU B 39 14.96 -28.00 18.87
N VAL B 40 15.19 -26.70 18.73
CA VAL B 40 16.53 -26.17 19.05
C VAL B 40 16.68 -26.04 20.55
N ALA B 41 15.61 -25.83 21.26
CA ALA B 41 15.71 -25.72 22.70
C ALA B 41 16.18 -27.07 23.24
N GLU B 42 15.50 -28.13 22.80
CA GLU B 42 15.86 -29.52 23.16
C GLU B 42 17.36 -29.76 22.91
N TYR B 43 17.81 -29.45 21.71
CA TYR B 43 19.22 -29.55 21.39
C TYR B 43 20.09 -28.75 22.34
N LEU B 44 19.73 -27.50 22.59
CA LEU B 44 20.59 -26.66 23.46
C LEU B 44 20.57 -27.17 24.89
N ALA B 45 19.40 -27.58 25.34
CA ALA B 45 19.26 -28.19 26.65
C ALA B 45 20.14 -29.47 26.82
N GLU B 46 20.16 -30.35 25.80
CA GLU B 46 21.05 -31.55 25.79
C GLU B 46 22.48 -31.15 26.06
N GLY B 47 22.99 -30.25 25.22
CA GLY B 47 24.36 -29.84 25.30
C GLY B 47 24.66 -29.27 26.65
N MET B 48 23.67 -28.57 27.21
CA MET B 48 23.87 -27.96 28.51
C MET B 48 23.89 -29.06 29.57
N GLN B 49 23.02 -30.06 29.43
CA GLN B 49 23.04 -31.26 30.30
C GLN B 49 24.42 -31.91 30.31
N LYS B 50 24.97 -32.13 29.13
CA LYS B 50 26.30 -32.74 28.98
C LYS B 50 27.44 -31.87 29.53
N LEU B 51 27.24 -30.56 29.63
CA LEU B 51 28.33 -29.69 30.05
C LEU B 51 28.23 -29.43 31.54
N GLY B 52 27.22 -30.00 32.20
CA GLY B 52 26.98 -29.75 33.61
C GLY B 52 26.19 -28.50 33.98
N LEU B 53 25.32 -28.04 33.05
CA LEU B 53 24.50 -26.86 33.26
C LEU B 53 23.04 -27.23 33.43
N LYS B 54 22.77 -28.53 33.53
CA LYS B 54 21.46 -29.05 33.98
C LYS B 54 20.33 -28.60 33.09
N GLY B 55 20.60 -28.58 31.80
CA GLY B 55 19.76 -27.97 30.82
C GLY B 55 18.37 -28.54 30.82
N PHE B 56 17.40 -27.70 30.52
CA PHE B 56 16.03 -28.15 30.32
C PHE B 56 15.27 -27.12 29.49
N VAL B 57 14.06 -27.47 29.10
CA VAL B 57 13.24 -26.70 28.24
C VAL B 57 12.03 -26.34 29.06
N ASP B 58 11.74 -25.04 29.19
CA ASP B 58 10.68 -24.61 30.11
C ASP B 58 9.29 -24.51 29.42
N GLU B 59 8.31 -23.99 30.14
CA GLU B 59 6.92 -23.96 29.66
C GLU B 59 6.79 -23.06 28.42
N ALA B 60 7.71 -22.13 28.23
CA ALA B 60 7.73 -21.27 27.05
C ALA B 60 8.64 -21.77 25.93
N ASP B 61 9.20 -22.97 26.09
CA ASP B 61 10.17 -23.51 25.13
C ASP B 61 11.52 -22.80 25.19
N ASN B 62 11.86 -22.13 26.30
CA ASN B 62 13.22 -21.62 26.43
C ASN B 62 14.24 -22.74 26.72
N ALA B 63 15.45 -22.58 26.21
CA ALA B 63 16.54 -23.41 26.61
C ALA B 63 17.03 -22.85 27.92
N ARG B 64 16.89 -23.63 29.00
CA ARG B 64 17.33 -23.19 30.34
C ARG B 64 18.53 -23.97 30.86
N GLY B 65 19.36 -23.27 31.61
CA GLY B 65 20.45 -23.89 32.29
C GLY B 65 20.82 -23.13 33.54
N GLN B 66 21.76 -23.70 34.29
CA GLN B 66 22.22 -23.13 35.56
C GLN B 66 23.56 -23.73 35.91
N VAL B 67 24.41 -22.90 36.49
CA VAL B 67 25.63 -23.35 37.07
C VAL B 67 26.08 -22.45 38.22
N GLY B 68 26.58 -23.06 39.29
CA GLY B 68 27.11 -22.31 40.44
C GLY B 68 26.13 -22.37 41.57
N GLU B 69 26.59 -22.04 42.78
CA GLU B 69 25.72 -22.02 43.96
C GLU B 69 25.90 -20.74 44.78
N GLY B 70 26.60 -19.75 44.23
CA GLY B 70 26.84 -18.48 44.92
C GLY B 70 25.60 -17.62 45.10
N PRO B 71 25.67 -16.65 46.02
CA PRO B 71 24.52 -15.78 46.31
C PRO B 71 24.26 -14.65 45.25
N VAL B 72 25.29 -14.25 44.49
CA VAL B 72 25.17 -13.30 43.36
C VAL B 72 24.55 -13.94 42.10
N GLN B 73 23.26 -13.67 41.89
CA GLN B 73 22.50 -14.14 40.74
C GLN B 73 22.89 -13.39 39.45
N VAL B 74 23.44 -14.10 38.47
CA VAL B 74 23.62 -13.53 37.15
C VAL B 74 22.88 -14.33 36.07
N VAL B 75 22.13 -13.62 35.25
CA VAL B 75 21.37 -14.20 34.16
C VAL B 75 22.09 -13.87 32.86
N LEU B 76 22.40 -14.91 32.10
CA LEU B 76 22.91 -14.79 30.73
C LEU B 76 21.71 -15.17 29.85
N LEU B 77 21.06 -14.16 29.24
CA LEU B 77 19.85 -14.35 28.46
C LEU B 77 20.07 -14.00 27.00
N GLY B 78 19.85 -14.98 26.15
CA GLY B 78 19.96 -14.81 24.71
C GLY B 78 18.62 -15.18 24.15
N HIS B 79 18.55 -15.26 22.83
CA HIS B 79 17.36 -15.79 22.18
C HIS B 79 17.74 -16.82 21.15
N ILE B 80 16.86 -17.79 21.01
CA ILE B 80 17.15 -18.95 20.18
C ILE B 80 16.28 -18.97 18.94
N ASP B 81 15.41 -17.93 18.78
CA ASP B 81 14.65 -17.78 17.56
C ASP B 81 15.40 -16.91 16.61
N THR B 82 15.05 -17.03 15.34
CA THR B 82 15.70 -16.21 14.31
C THR B 82 14.61 -15.67 13.40
N VAL B 83 14.96 -14.75 12.51
CA VAL B 83 14.00 -14.34 11.49
C VAL B 83 13.82 -15.54 10.57
N PRO B 84 12.63 -15.68 9.96
CA PRO B 84 12.41 -16.87 9.13
C PRO B 84 13.37 -16.94 7.90
N GLY B 85 13.63 -18.15 7.41
CA GLY B 85 14.36 -18.34 6.19
C GLY B 85 15.76 -18.82 6.46
N GLN B 86 15.96 -20.14 6.33
CA GLN B 86 17.26 -20.74 6.54
C GLN B 86 18.23 -20.34 5.46
N ILE B 87 19.49 -20.33 5.83
CA ILE B 87 20.59 -20.22 4.90
C ILE B 87 21.46 -21.48 5.08
N PRO B 88 21.85 -22.13 4.00
CA PRO B 88 22.63 -23.37 4.17
C PRO B 88 23.88 -23.17 5.02
N VAL B 89 24.05 -24.03 6.03
CA VAL B 89 25.18 -23.92 6.95
C VAL B 89 26.48 -24.52 6.41
N ARG B 90 27.56 -23.77 6.47
CA ARG B 90 28.85 -24.20 5.93
C ARG B 90 29.88 -23.57 6.83
N LEU B 91 30.86 -24.37 7.23
CA LEU B 91 32.10 -23.84 7.77
C LEU B 91 33.15 -23.79 6.64
N GLU B 92 33.59 -22.59 6.29
CA GLU B 92 34.41 -22.39 5.10
C GLU B 92 35.29 -21.16 5.28
N GLY B 93 36.60 -21.32 5.17
CA GLY B 93 37.56 -20.28 5.56
C GLY B 93 37.62 -20.29 7.07
N GLY B 94 37.69 -19.12 7.68
CA GLY B 94 37.50 -19.04 9.13
C GLY B 94 36.07 -18.67 9.53
N ARG B 95 35.13 -18.74 8.58
CA ARG B 95 33.78 -18.22 8.72
C ARG B 95 32.75 -19.31 8.78
N LEU B 96 31.88 -19.24 9.79
CA LEU B 96 30.78 -20.17 9.92
C LEU B 96 29.49 -19.49 9.47
N PHE B 97 28.85 -20.01 8.43
CA PHE B 97 27.64 -19.40 7.84
C PHE B 97 26.35 -20.01 8.37
N GLY B 98 25.35 -19.19 8.65
CA GLY B 98 24.08 -19.74 9.13
C GLY B 98 23.13 -18.70 9.67
N ARG B 99 21.83 -18.99 9.55
CA ARG B 99 20.79 -18.16 10.10
C ARG B 99 20.93 -18.24 11.61
N GLY B 100 21.26 -17.12 12.24
CA GLY B 100 21.48 -17.12 13.67
C GLY B 100 22.92 -17.06 14.07
N ALA B 101 23.84 -17.14 13.10
CA ALA B 101 25.28 -17.16 13.42
C ALA B 101 25.65 -16.00 14.34
N VAL B 102 25.04 -14.89 14.00
CA VAL B 102 25.24 -13.62 14.65
C VAL B 102 24.01 -13.29 15.49
N ASP B 103 22.82 -13.46 14.96
CA ASP B 103 21.62 -13.01 15.63
C ASP B 103 20.69 -14.17 15.80
N ALA B 104 20.82 -14.91 16.89
CA ALA B 104 21.85 -14.75 17.87
C ALA B 104 22.18 -16.13 18.52
N LYS B 105 22.25 -17.15 17.71
CA LYS B 105 22.58 -18.48 18.22
C LYS B 105 24.05 -18.49 18.63
N GLY B 106 24.91 -17.82 17.90
CA GLY B 106 26.30 -17.76 18.29
C GLY B 106 26.50 -17.16 19.65
N PRO B 107 25.94 -15.96 19.88
CA PRO B 107 26.06 -15.35 21.19
C PRO B 107 25.58 -16.21 22.35
N PHE B 108 24.47 -16.92 22.17
CA PHE B 108 23.96 -17.70 23.26
C PHE B 108 24.82 -18.96 23.50
N VAL B 109 25.26 -19.61 22.42
CA VAL B 109 26.16 -20.74 22.55
C VAL B 109 27.45 -20.27 23.22
N ALA B 110 27.92 -19.07 22.89
CA ALA B 110 29.11 -18.60 23.58
C ALA B 110 28.84 -18.42 25.06
N MET B 111 27.60 -18.10 25.43
CA MET B 111 27.27 -17.99 26.84
C MET B 111 27.36 -19.37 27.51
N ILE B 112 26.85 -20.39 26.82
CA ILE B 112 26.84 -21.75 27.32
C ILE B 112 28.25 -22.27 27.64
N PHE B 113 29.16 -22.17 26.68
CA PHE B 113 30.54 -22.67 26.88
C PHE B 113 31.30 -21.84 27.89
N ALA B 114 31.06 -20.54 27.90
CA ALA B 114 31.69 -19.68 28.90
C ALA B 114 31.28 -20.13 30.28
N ALA B 115 29.99 -20.33 30.48
CA ALA B 115 29.54 -20.68 31.80
C ALA B 115 30.03 -22.07 32.17
N ALA B 116 30.21 -22.91 31.16
CA ALA B 116 30.63 -24.28 31.37
C ALA B 116 32.07 -24.37 31.88
N GLY B 117 32.93 -23.43 31.49
CA GLY B 117 34.33 -23.40 31.92
C GLY B 117 34.60 -22.50 33.12
N LEU B 118 33.63 -22.41 34.01
CA LEU B 118 33.70 -21.47 35.13
C LEU B 118 34.50 -22.02 36.32
N SER B 119 35.39 -21.20 36.89
CA SER B 119 36.13 -21.56 38.12
C SER B 119 35.28 -22.11 39.24
N GLU B 120 35.90 -22.94 40.08
CA GLU B 120 35.32 -23.34 41.35
C GLU B 120 35.15 -22.11 42.24
N GLU B 121 36.13 -21.23 42.23
CA GLU B 121 36.07 -19.98 42.96
C GLU B 121 34.81 -19.21 42.53
N ALA B 122 34.54 -19.22 41.23
CA ALA B 122 33.44 -18.44 40.70
C ALA B 122 32.09 -19.13 40.93
N ARG B 123 32.05 -20.47 40.89
CA ARG B 123 30.81 -21.19 41.19
C ARG B 123 30.45 -21.05 42.64
N LYS B 124 31.42 -20.61 43.44
CA LYS B 124 31.18 -20.30 44.85
C LYS B 124 30.49 -18.92 45.03
N ARG B 125 30.88 -17.92 44.26
CA ARG B 125 30.31 -16.57 44.43
C ARG B 125 29.03 -16.35 43.62
N LEU B 126 28.91 -17.03 42.48
CA LEU B 126 27.84 -16.81 41.51
C LEU B 126 26.90 -18.00 41.38
N THR B 127 25.62 -17.71 41.14
CA THR B 127 24.69 -18.68 40.53
C THR B 127 24.32 -18.09 39.16
N VAL B 128 24.69 -18.76 38.07
CA VAL B 128 24.54 -18.24 36.73
C VAL B 128 23.38 -18.96 36.07
N HIS B 129 22.33 -18.20 35.71
CA HIS B 129 21.20 -18.74 34.96
C HIS B 129 21.29 -18.42 33.45
N LEU B 130 21.06 -19.43 32.61
CA LEU B 130 21.15 -19.32 31.17
C LEU B 130 19.75 -19.43 30.66
N VAL B 131 19.37 -18.53 29.76
CA VAL B 131 18.04 -18.54 29.15
C VAL B 131 18.17 -18.29 27.64
N GLY B 132 17.88 -19.33 26.86
CA GLY B 132 17.74 -19.21 25.43
C GLY B 132 16.31 -18.89 25.11
N ALA B 133 15.99 -17.59 25.08
CA ALA B 133 14.61 -17.09 25.06
C ALA B 133 13.96 -17.29 23.70
N THR B 134 12.65 -17.54 23.73
CA THR B 134 11.84 -17.66 22.53
C THR B 134 11.16 -16.34 22.11
N GLU B 135 10.91 -16.20 20.80
CA GLU B 135 10.04 -15.16 20.26
C GLU B 135 10.54 -13.70 20.45
N GLU B 136 11.86 -13.57 20.55
CA GLU B 136 12.48 -12.30 20.69
C GLU B 136 12.37 -11.54 19.39
N GLU B 137 12.35 -12.27 18.26
CA GLU B 137 12.21 -11.68 16.94
C GLU B 137 10.75 -11.29 16.61
N ALA B 138 9.80 -11.79 17.39
CA ALA B 138 8.41 -11.36 17.30
C ALA B 138 8.06 -10.30 18.35
N PRO B 139 6.91 -9.64 18.17
CA PRO B 139 6.40 -8.64 19.11
C PRO B 139 6.20 -9.10 20.55
N SER B 140 5.77 -10.34 20.73
CA SER B 140 5.57 -10.94 22.07
C SER B 140 6.78 -10.88 23.01
N SER B 141 7.96 -11.25 22.54
CA SER B 141 9.07 -11.63 23.43
C SER B 141 8.57 -12.55 24.58
N LYS B 142 7.76 -13.53 24.20
CA LYS B 142 7.12 -14.46 25.14
C LYS B 142 8.11 -15.06 26.13
N GLY B 143 9.25 -15.50 25.60
CA GLY B 143 10.27 -16.18 26.37
C GLY B 143 10.90 -15.34 27.45
N ALA B 144 11.36 -14.16 27.08
CA ALA B 144 11.90 -13.23 28.07
C ALA B 144 10.83 -12.83 29.08
N ARG B 145 9.59 -12.70 28.63
CA ARG B 145 8.52 -12.30 29.55
C ARG B 145 8.10 -13.45 30.48
N PHE B 146 8.25 -14.69 30.05
CA PHE B 146 7.92 -15.82 30.90
C PHE B 146 8.88 -15.89 32.13
N VAL B 147 10.15 -15.64 31.84
CA VAL B 147 11.24 -15.72 32.75
C VAL B 147 11.40 -14.49 33.64
N ALA B 148 10.82 -13.38 33.22
CA ALA B 148 11.01 -12.13 33.93
C ALA B 148 10.54 -12.20 35.40
N PRO B 149 9.31 -12.69 35.62
CA PRO B 149 8.90 -12.78 37.05
C PRO B 149 9.52 -13.95 37.85
N ARG B 150 10.32 -14.81 37.21
CA ARG B 150 10.86 -16.00 37.85
C ARG B 150 12.33 -15.92 38.25
N LEU B 151 13.04 -14.89 37.84
CA LEU B 151 14.44 -14.75 38.19
C LEU B 151 14.65 -13.38 38.72
N LYS B 152 15.52 -13.29 39.72
CA LYS B 152 15.78 -12.04 40.40
C LYS B 152 17.26 -11.83 40.31
N PRO B 153 17.75 -11.40 39.15
CA PRO B 153 19.18 -11.26 39.03
C PRO B 153 19.73 -10.06 39.75
N HIS B 154 21.02 -10.14 40.06
CA HIS B 154 21.80 -9.01 40.47
C HIS B 154 22.49 -8.43 39.26
N TYR B 155 22.65 -9.22 38.20
CA TYR B 155 23.25 -8.74 36.95
C TYR B 155 22.70 -9.54 35.78
N ALA B 156 22.64 -8.92 34.61
CA ALA B 156 22.08 -9.58 33.45
C ALA B 156 22.90 -9.23 32.23
N VAL B 157 23.15 -10.23 31.40
CA VAL B 157 23.87 -10.03 30.15
C VAL B 157 23.02 -10.58 29.03
N ILE B 158 22.76 -9.73 28.02
CA ILE B 158 21.84 -10.04 26.96
C ILE B 158 22.66 -10.39 25.78
N GLY B 159 22.31 -11.54 25.22
CA GLY B 159 23.13 -12.12 24.16
C GLY B 159 22.67 -11.66 22.80
N GLU B 160 23.34 -10.64 22.32
CA GLU B 160 23.11 -10.09 21.03
C GLU B 160 24.47 -9.69 20.58
N PRO B 161 24.68 -9.64 19.28
CA PRO B 161 25.98 -9.38 18.73
C PRO B 161 26.38 -7.95 18.94
N SER B 162 27.44 -7.76 19.72
CA SER B 162 28.09 -6.51 19.93
C SER B 162 29.48 -6.43 19.27
N GLY B 163 29.92 -7.47 18.60
CA GLY B 163 31.37 -7.59 18.26
C GLY B 163 32.09 -8.08 19.51
N TRP B 164 33.19 -8.78 19.35
CA TRP B 164 33.86 -9.38 20.50
C TRP B 164 34.51 -8.34 21.41
N GLU B 165 34.83 -7.15 20.85
CA GLU B 165 35.40 -6.06 21.61
C GLU B 165 34.36 -5.03 22.09
N GLY B 166 33.09 -5.24 21.72
CA GLY B 166 32.05 -4.30 22.11
C GLY B 166 31.26 -4.65 23.36
N ILE B 167 30.92 -3.63 24.13
CA ILE B 167 30.00 -3.77 25.23
C ILE B 167 28.83 -2.84 24.91
N THR B 168 27.65 -3.39 24.66
CA THR B 168 26.59 -2.47 24.34
C THR B 168 25.76 -2.10 25.53
N LEU B 169 25.57 -0.79 25.65
CA LEU B 169 24.97 -0.17 26.83
C LEU B 169 23.52 0.11 26.62
N GLY B 170 23.06 0.18 25.38
CA GLY B 170 21.66 0.44 25.15
C GLY B 170 21.14 0.06 23.79
N TYR B 171 19.82 -0.01 23.71
CA TYR B 171 19.06 -0.35 22.53
C TYR B 171 17.84 0.57 22.55
N LYS B 172 17.40 0.93 21.35
CA LYS B 172 16.23 1.78 21.19
C LYS B 172 14.97 1.00 21.45
N GLY B 173 13.90 1.74 21.74
CA GLY B 173 12.58 1.14 21.94
C GLY B 173 11.90 0.98 20.60
N ARG B 174 10.61 0.71 20.62
CA ARG B 174 9.92 0.32 19.43
C ARG B 174 8.43 0.61 19.58
N LEU B 175 7.79 0.88 18.44
CA LEU B 175 6.37 0.97 18.35
C LEU B 175 5.99 0.42 17.00
N LEU B 176 4.97 -0.41 16.96
CA LEU B 176 4.42 -0.87 15.71
C LEU B 176 3.08 -0.20 15.52
N VAL B 177 2.85 0.29 14.32
CA VAL B 177 1.61 0.96 14.04
C VAL B 177 0.94 0.37 12.82
N LYS B 178 -0.36 0.11 12.93
CA LYS B 178 -1.24 -0.20 11.83
C LYS B 178 -2.22 0.99 11.70
N ALA B 179 -2.31 1.58 10.51
CA ALA B 179 -3.23 2.67 10.23
C ALA B 179 -4.20 2.25 9.16
N ARG B 180 -5.47 2.62 9.28
CA ARG B 180 -6.50 2.18 8.31
C ARG B 180 -7.48 3.31 7.95
N ARG B 181 -7.86 3.34 6.69
CA ARG B 181 -8.86 4.22 6.28
C ARG B 181 -9.79 3.45 5.40
N GLU B 182 -11.08 3.48 5.74
CA GLU B 182 -12.12 3.03 4.82
C GLU B 182 -13.16 4.11 4.60
N LYS B 183 -13.64 4.24 3.38
CA LYS B 183 -14.68 5.22 3.06
C LYS B 183 -15.45 4.77 1.78
N ASP B 184 -16.52 5.48 1.46
CA ASP B 184 -17.29 5.20 0.27
C ASP B 184 -16.46 5.50 -0.95
N HIS B 185 -16.61 4.64 -1.96
CA HIS B 185 -15.90 4.79 -3.19
C HIS B 185 -16.52 5.95 -3.99
N PHE B 186 -15.66 6.59 -4.82
CA PHE B 186 -16.07 7.71 -5.68
C PHE B 186 -15.10 7.82 -6.87
N HIS B 187 -15.40 8.67 -7.85
CA HIS B 187 -14.62 8.71 -9.10
C HIS B 187 -13.17 9.24 -8.84
N SER B 188 -12.17 8.55 -9.37
CA SER B 188 -10.76 8.96 -9.24
C SER B 188 -10.37 10.36 -9.80
N ALA B 189 -11.30 11.04 -10.48
CA ALA B 189 -11.08 12.37 -11.06
C ALA B 189 -11.52 13.56 -10.16
N HIS B 190 -12.31 13.29 -9.11
CA HIS B 190 -12.75 14.31 -8.14
C HIS B 190 -11.53 14.69 -7.30
N HIS B 191 -11.44 15.94 -6.82
CA HIS B 191 -10.20 16.33 -6.12
C HIS B 191 -10.03 15.69 -4.75
N GLU B 192 -11.12 15.23 -4.14
CA GLU B 192 -11.02 14.61 -2.82
C GLU B 192 -10.07 13.38 -2.83
N PRO B 193 -9.15 13.32 -1.85
CA PRO B 193 -8.25 12.18 -1.75
C PRO B 193 -8.98 10.90 -1.47
N ASN B 194 -8.46 9.80 -2.00
CA ASN B 194 -9.00 8.48 -1.72
C ASN B 194 -8.31 7.95 -0.48
N ALA B 195 -8.66 6.73 -0.10
CA ALA B 195 -8.26 6.20 1.20
C ALA B 195 -6.77 5.98 1.25
N ALA B 196 -6.20 5.47 0.19
CA ALA B 196 -4.75 5.25 0.11
C ALA B 196 -3.99 6.58 0.27
N GLU B 197 -4.48 7.62 -0.41
CA GLU B 197 -3.88 8.94 -0.35
C GLU B 197 -3.99 9.57 1.04
N GLU B 198 -5.08 9.33 1.73
CA GLU B 198 -5.16 9.86 3.09
C GLU B 198 -4.13 9.19 3.93
N LEU B 199 -3.88 7.90 3.70
CA LEU B 199 -2.87 7.21 4.48
C LEU B 199 -1.46 7.71 4.16
N ILE B 200 -1.17 7.89 2.88
CA ILE B 200 0.12 8.47 2.47
C ILE B 200 0.35 9.83 3.15
N SER B 201 -0.68 10.66 3.16
CA SER B 201 -0.58 11.99 3.71
C SER B 201 -0.30 11.95 5.22
N TYR B 202 -0.94 11.05 5.94
CA TYR B 202 -0.54 10.78 7.32
C TYR B 202 0.93 10.40 7.46
N PHE B 203 1.40 9.47 6.63
CA PHE B 203 2.80 9.06 6.68
C PHE B 203 3.76 10.18 6.38
N VAL B 204 3.45 10.96 5.37
CA VAL B 204 4.19 12.18 5.09
C VAL B 204 4.21 13.16 6.26
N ALA B 205 3.10 13.29 6.96
CA ALA B 205 3.07 14.12 8.16
C ALA B 205 3.99 13.55 9.24
N ILE B 206 4.03 12.22 9.33
CA ILE B 206 4.93 11.56 10.27
C ILE B 206 6.39 11.78 9.90
N LYS B 207 6.67 11.75 8.62
CA LYS B 207 8.04 12.11 8.19
C LYS B 207 8.41 13.52 8.61
N ALA B 208 7.50 14.46 8.47
CA ALA B 208 7.81 15.83 8.76
C ALA B 208 8.03 15.97 10.29
N TRP B 209 7.15 15.34 11.04
CA TRP B 209 7.29 15.31 12.48
C TRP B 209 8.60 14.79 12.90
N ALA B 210 9.05 13.69 12.31
CA ALA B 210 10.33 13.10 12.71
C ALA B 210 11.51 13.99 12.33
N GLU B 211 11.43 14.60 11.15
CA GLU B 211 12.52 15.43 10.70
C GLU B 211 12.70 16.58 11.69
N ALA B 212 11.60 17.11 12.19
CA ALA B 212 11.71 18.16 13.16
C ALA B 212 12.19 17.61 14.50
N MET B 213 11.63 16.48 14.93
CA MET B 213 12.11 15.84 16.16
C MET B 213 13.59 15.51 16.13
N ASN B 214 14.18 15.32 14.97
CA ASN B 214 15.54 14.83 14.88
C ASN B 214 16.64 15.88 14.71
N VAL B 215 16.25 17.14 14.68
CA VAL B 215 17.20 18.20 14.43
C VAL B 215 18.31 18.15 15.46
N GLY B 216 19.53 18.03 14.97
CA GLY B 216 20.70 18.01 15.84
C GLY B 216 20.96 16.70 16.57
N GLN B 217 20.23 15.66 16.27
CA GLN B 217 20.31 14.47 17.12
C GLN B 217 21.19 13.36 16.55
N ARG B 218 22.02 12.78 17.41
CA ARG B 218 22.78 11.58 17.08
C ARG B 218 21.84 10.43 16.82
N PRO B 219 22.30 9.43 16.06
CA PRO B 219 21.38 8.37 15.61
C PRO B 219 20.68 7.65 16.75
N PHE B 220 21.36 7.49 17.88
CA PHE B 220 20.73 6.79 18.98
C PHE B 220 19.59 7.61 19.52
N ASP B 221 19.68 8.93 19.34
CA ASP B 221 18.64 9.80 19.83
C ASP B 221 17.59 10.18 18.78
N GLN B 222 17.68 9.62 17.57
CA GLN B 222 16.71 10.00 16.51
C GLN B 222 15.52 9.10 16.63
N VAL B 223 14.35 9.63 16.29
CA VAL B 223 13.17 8.84 16.01
C VAL B 223 13.40 8.33 14.62
N GLN B 224 13.27 7.01 14.37
CA GLN B 224 13.42 6.41 13.01
C GLN B 224 12.16 5.68 12.69
N TYR B 225 11.78 5.69 11.42
CA TYR B 225 10.55 5.04 10.96
C TYR B 225 10.83 4.18 9.76
N THR B 226 9.95 3.23 9.54
CA THR B 226 10.09 2.32 8.45
C THR B 226 8.70 1.95 8.05
N LEU B 227 8.38 2.25 6.81
CA LEU B 227 7.16 1.73 6.21
C LEU B 227 7.35 0.23 5.88
N ARG B 228 6.62 -0.63 6.57
CA ARG B 228 6.76 -2.10 6.43
C ARG B 228 5.85 -2.67 5.38
N ASP B 229 4.60 -2.22 5.36
CA ASP B 229 3.66 -2.70 4.37
C ASP B 229 2.59 -1.67 4.05
N PHE B 230 2.02 -1.77 2.85
CA PHE B 230 0.89 -0.95 2.48
C PHE B 230 -0.03 -1.73 1.56
N ARG B 231 -1.33 -1.80 1.85
CA ARG B 231 -2.30 -2.55 1.01
C ARG B 231 -3.47 -1.66 0.62
N VAL B 232 -3.88 -1.73 -0.64
CA VAL B 232 -5.13 -1.08 -1.03
C VAL B 232 -6.08 -2.11 -1.65
N HIS B 233 -7.28 -2.16 -1.09
CA HIS B 233 -8.37 -2.99 -1.58
C HIS B 233 -8.76 -2.48 -2.95
N PRO B 234 -8.95 -3.40 -3.93
CA PRO B 234 -9.52 -2.92 -5.23
C PRO B 234 -10.92 -2.45 -4.95
N ALA B 235 -11.17 -1.17 -5.18
CA ALA B 235 -12.39 -0.55 -4.71
C ALA B 235 -13.59 -0.92 -5.60
N GLU B 236 -14.73 -1.15 -4.94
CA GLU B 236 -15.98 -1.43 -5.63
C GLU B 236 -17.06 -0.55 -5.03
N LEU B 237 -17.60 -0.92 -3.87
CA LEU B 237 -18.49 0.02 -3.16
C LEU B 237 -17.70 0.88 -2.18
N ARG B 238 -16.60 0.34 -1.65
CA ARG B 238 -15.80 1.09 -0.69
CA ARG B 238 -15.77 0.98 -0.62
C ARG B 238 -14.31 1.09 -1.05
N GLN B 239 -13.61 2.07 -0.48
CA GLN B 239 -12.15 2.09 -0.54
C GLN B 239 -11.64 1.60 0.80
N VAL B 240 -10.69 0.68 0.79
CA VAL B 240 -9.98 0.34 2.00
C VAL B 240 -8.49 0.34 1.75
N ALA B 241 -7.75 1.02 2.64
CA ALA B 241 -6.30 1.02 2.65
C ALA B 241 -5.74 0.81 4.04
N GLU B 242 -4.64 0.07 4.11
CA GLU B 242 -3.95 -0.19 5.36
C GLU B 242 -2.46 -0.03 5.23
N MET B 243 -1.85 0.39 6.30
CA MET B 243 -0.47 0.78 6.31
C MET B 243 0.15 0.27 7.61
N PHE B 244 1.32 -0.34 7.50
CA PHE B 244 2.02 -0.82 8.65
C PHE B 244 3.36 -0.12 8.66
N PHE B 245 3.64 0.57 9.74
CA PHE B 245 4.98 1.09 9.90
C PHE B 245 5.44 0.94 11.30
N ASP B 246 6.70 1.17 11.50
CA ASP B 246 7.21 1.10 12.83
C ASP B 246 8.24 2.19 13.13
N LEU B 247 8.44 2.46 14.42
CA LEU B 247 9.36 3.46 14.87
C LEU B 247 10.36 2.79 15.78
N ARG B 248 11.62 3.21 15.69
CA ARG B 248 12.62 2.95 16.69
C ARG B 248 12.80 4.21 17.50
N LEU B 249 12.78 4.04 18.80
CA LEU B 249 12.46 5.04 19.73
C LEU B 249 13.67 5.44 20.52
N PRO B 250 14.02 6.74 20.51
CA PRO B 250 15.09 7.23 21.37
C PRO B 250 14.64 7.30 22.83
N PRO B 251 15.59 7.40 23.75
CA PRO B 251 15.30 7.55 25.18
C PRO B 251 14.36 8.72 25.42
N ARG B 252 14.51 9.85 24.73
CA ARG B 252 13.60 11.00 24.99
C ARG B 252 12.17 10.76 24.56
N LEU B 253 11.87 9.69 23.84
CA LEU B 253 10.51 9.41 23.38
C LEU B 253 10.06 7.93 23.60
N PRO B 254 9.67 7.60 24.84
CA PRO B 254 9.19 6.26 25.09
C PRO B 254 7.87 5.98 24.40
N PRO B 255 7.44 4.72 24.37
CA PRO B 255 6.27 4.36 23.58
C PRO B 255 4.96 5.10 23.87
N GLU B 256 4.67 5.36 25.13
CA GLU B 256 3.42 6.05 25.44
C GLU B 256 3.45 7.53 24.96
N GLU B 257 4.61 8.18 25.03
CA GLU B 257 4.77 9.52 24.50
C GLU B 257 4.65 9.47 22.97
N ALA B 258 5.32 8.50 22.35
CA ALA B 258 5.25 8.34 20.93
C ALA B 258 3.85 8.08 20.39
N ILE B 259 3.05 7.33 21.14
CA ILE B 259 1.61 7.20 20.79
C ILE B 259 0.82 8.54 20.83
N ARG B 260 1.10 9.40 21.82
CA ARG B 260 0.38 10.68 21.92
C ARG B 260 0.79 11.51 20.70
N HIS B 261 2.06 11.53 20.32
CA HIS B 261 2.46 12.26 19.17
C HIS B 261 1.77 11.76 17.93
N LEU B 262 1.88 10.47 17.64
CA LEU B 262 1.28 9.92 16.38
C LEU B 262 -0.22 10.12 16.29
N THR B 263 -0.88 10.12 17.44
CA THR B 263 -2.33 10.28 17.55
C THR B 263 -2.75 11.75 17.28
N ALA B 264 -1.97 12.69 17.80
CA ALA B 264 -2.14 14.12 17.54
C ALA B 264 -1.92 14.46 16.06
N TYR B 265 -1.03 13.74 15.39
CA TYR B 265 -0.81 14.00 13.97
C TYR B 265 -1.80 13.25 13.08
N ALA B 266 -2.71 12.49 13.65
CA ALA B 266 -3.65 11.69 12.85
C ALA B 266 -4.98 12.37 12.85
N PRO B 267 -5.54 12.61 11.66
CA PRO B 267 -6.92 13.11 11.59
C PRO B 267 -7.91 12.05 12.07
N PRO B 268 -9.12 12.47 12.44
CA PRO B 268 -10.06 11.53 13.07
C PRO B 268 -10.62 10.47 12.13
N THR B 269 -10.43 10.66 10.84
CA THR B 269 -10.78 9.69 9.81
C THR B 269 -9.89 8.42 9.80
N ILE B 270 -8.75 8.47 10.46
CA ILE B 270 -7.78 7.40 10.42
C ILE B 270 -7.79 6.57 11.71
N GLU B 271 -7.86 5.25 11.56
CA GLU B 271 -7.91 4.34 12.71
C GLU B 271 -6.51 3.88 12.97
N LEU B 272 -6.09 3.94 14.23
CA LEU B 272 -4.77 3.53 14.59
C LEU B 272 -4.85 2.34 15.54
N GLU B 273 -3.91 1.41 15.37
CA GLU B 273 -3.73 0.32 16.30
C GLU B 273 -2.22 0.29 16.62
N PHE B 274 -1.89 0.32 17.90
CA PHE B 274 -0.49 0.25 18.33
C PHE B 274 -0.16 -1.10 18.96
N PHE B 275 1.09 -1.52 18.80
CA PHE B 275 1.54 -2.76 19.42
C PHE B 275 3.05 -2.84 19.39
N GLY B 276 3.57 -3.86 20.09
CA GLY B 276 4.98 -4.13 20.18
C GLY B 276 5.70 -3.00 20.87
N ARG B 277 5.03 -2.45 21.89
CA ARG B 277 5.60 -1.35 22.63
C ARG B 277 6.84 -1.84 23.36
N GLU B 278 7.97 -1.19 23.15
CA GLU B 278 9.14 -1.46 23.95
C GLU B 278 9.84 -0.17 24.36
N VAL B 279 10.24 -0.08 25.62
CA VAL B 279 10.85 1.12 26.16
C VAL B 279 12.34 1.16 25.81
N PRO B 280 12.88 2.33 25.54
CA PRO B 280 14.29 2.40 25.28
C PRO B 280 15.07 2.16 26.53
N TYR B 281 16.33 1.82 26.39
CA TYR B 281 17.15 1.55 27.50
C TYR B 281 18.55 2.02 27.16
N GLN B 282 19.14 2.77 28.08
CA GLN B 282 20.50 3.23 27.96
C GLN B 282 21.08 3.21 29.35
N GLY B 283 22.05 2.34 29.58
CA GLY B 283 22.55 2.09 30.93
C GLY B 283 23.79 2.91 31.12
N PRO B 284 24.13 3.21 32.37
CA PRO B 284 25.37 3.96 32.65
C PRO B 284 26.68 3.24 32.25
N LYS B 285 27.70 4.04 31.92
CA LYS B 285 29.01 3.58 31.46
C LYS B 285 29.87 2.86 32.52
N ASP B 286 29.60 3.05 33.82
CA ASP B 286 30.50 2.55 34.88
C ASP B 286 29.73 1.80 35.96
N THR B 287 29.64 0.48 35.81
CA THR B 287 29.00 -0.39 36.79
C THR B 287 29.99 -1.52 37.06
N PRO B 288 29.78 -2.32 38.13
CA PRO B 288 30.57 -3.58 38.26
C PRO B 288 30.62 -4.42 36.98
N LEU B 289 29.47 -4.59 36.32
CA LEU B 289 29.36 -5.37 35.08
C LEU B 289 30.20 -4.77 33.92
N THR B 290 30.20 -3.47 33.88
CA THR B 290 30.81 -2.80 32.77
C THR B 290 32.31 -2.90 32.93
N ARG B 291 32.80 -2.80 34.16
CA ARG B 291 34.24 -2.91 34.44
C ARG B 291 34.71 -4.36 34.22
N ALA B 292 33.91 -5.30 34.72
CA ALA B 292 34.13 -6.70 34.47
C ALA B 292 34.32 -7.04 32.98
N PHE B 293 33.52 -6.45 32.09
CA PHE B 293 33.72 -6.74 30.65
C PHE B 293 34.90 -5.95 30.10
N ARG B 294 35.03 -4.70 30.53
CA ARG B 294 36.18 -3.89 30.11
C ARG B 294 37.49 -4.70 30.40
N GLN B 295 37.60 -5.21 31.62
CA GLN B 295 38.79 -5.98 32.03
C GLN B 295 38.97 -7.28 31.24
N ALA B 296 37.88 -8.01 31.02
CA ALA B 296 37.95 -9.28 30.29
C ALA B 296 38.34 -9.12 28.82
N ILE B 297 37.90 -8.03 28.19
CA ILE B 297 38.28 -7.77 26.80
C ILE B 297 39.76 -7.41 26.73
N ARG B 298 40.26 -6.67 27.72
CA ARG B 298 41.69 -6.35 27.75
C ARG B 298 42.53 -7.62 27.93
N LYS B 299 42.23 -8.41 28.97
CA LYS B 299 42.86 -9.71 29.19
C LYS B 299 42.92 -10.48 27.88
N ALA B 300 41.78 -10.58 27.21
CA ALA B 300 41.71 -11.35 25.97
C ALA B 300 42.44 -10.65 24.84
N GLY B 301 43.01 -9.49 25.10
CA GLY B 301 43.89 -8.83 24.14
C GLY B 301 43.20 -7.88 23.20
N GLY B 302 42.12 -7.24 23.63
CA GLY B 302 41.38 -6.31 22.78
C GLY B 302 41.19 -4.95 23.41
N ARG B 303 40.64 -4.03 22.61
CA ARG B 303 40.31 -2.65 23.06
C ARG B 303 38.78 -2.47 23.20
N PRO B 304 38.27 -2.38 24.43
CA PRO B 304 36.81 -2.29 24.63
C PRO B 304 36.20 -0.98 24.13
N VAL B 305 35.06 -1.08 23.47
CA VAL B 305 34.33 0.10 23.01
C VAL B 305 32.87 -0.03 23.44
N PHE B 306 32.32 1.04 24.05
CA PHE B 306 30.92 1.08 24.42
C PHE B 306 30.11 1.29 23.15
N LYS B 307 28.94 0.66 23.07
CA LYS B 307 28.07 0.82 21.91
C LYS B 307 26.62 1.09 22.28
N LEU B 308 25.95 1.83 21.41
CA LEU B 308 24.52 2.07 21.52
C LEU B 308 23.97 1.62 20.21
N LYS B 309 22.88 0.90 20.25
CA LYS B 309 22.39 0.27 19.05
C LYS B 309 21.00 0.74 18.66
N THR B 310 20.79 0.76 17.35
CA THR B 310 19.60 1.29 16.69
C THR B 310 18.50 0.29 16.75
N GLY B 311 18.86 -0.98 16.95
CA GLY B 311 17.88 -2.08 16.99
C GLY B 311 17.13 -2.11 18.32
N THR B 312 16.31 -3.13 18.53
CA THR B 312 15.63 -3.34 19.80
C THR B 312 15.89 -4.81 20.25
N SER B 313 16.00 -5.07 21.55
CA SER B 313 16.33 -6.39 22.06
C SER B 313 15.57 -6.68 23.34
N ASP B 314 15.79 -7.86 23.87
CA ASP B 314 15.18 -8.25 25.14
C ASP B 314 15.76 -7.45 26.29
N MET B 315 16.85 -6.71 26.06
CA MET B 315 17.32 -5.76 27.06
C MET B 315 16.22 -4.72 27.36
N ASN B 316 15.61 -4.18 26.31
CA ASN B 316 14.46 -3.30 26.46
C ASN B 316 13.29 -3.94 27.17
N VAL B 317 13.07 -5.22 26.89
CA VAL B 317 11.95 -5.93 27.47
C VAL B 317 12.12 -6.17 28.95
N LEU B 318 13.34 -6.39 29.35
CA LEU B 318 13.62 -6.90 30.66
C LEU B 318 13.92 -5.76 31.64
N ALA B 319 14.48 -4.65 31.15
CA ALA B 319 14.83 -3.47 31.99
C ALA B 319 13.75 -3.02 32.99
N PRO B 320 12.50 -2.95 32.55
CA PRO B 320 11.42 -2.57 33.50
C PRO B 320 11.22 -3.56 34.62
N HIS B 321 11.51 -4.85 34.39
CA HIS B 321 11.35 -5.89 35.39
C HIS B 321 12.58 -6.05 36.31
N TRP B 322 13.78 -5.83 35.79
CA TRP B 322 15.00 -6.15 36.52
C TRP B 322 15.84 -4.88 36.66
N PRO B 323 15.66 -4.15 37.77
CA PRO B 323 16.31 -2.85 37.94
C PRO B 323 17.80 -2.97 38.29
N VAL B 324 18.57 -3.61 37.43
CA VAL B 324 19.93 -3.96 37.78
C VAL B 324 20.84 -3.75 36.60
N PRO B 325 22.15 -3.62 36.88
CA PRO B 325 23.11 -3.41 35.80
C PRO B 325 23.11 -4.54 34.78
N MET B 326 23.16 -4.13 33.52
CA MET B 326 22.78 -4.97 32.40
C MET B 326 23.51 -4.44 31.21
N VAL B 327 24.14 -5.32 30.45
CA VAL B 327 24.76 -4.95 29.17
C VAL B 327 24.39 -5.99 28.13
N ALA B 328 24.76 -5.75 26.88
CA ALA B 328 24.58 -6.73 25.84
C ALA B 328 25.92 -7.06 25.20
N TYR B 329 26.14 -8.35 25.04
CA TYR B 329 27.41 -8.80 24.56
C TYR B 329 27.22 -9.99 23.67
N GLY B 330 28.05 -10.06 22.65
CA GLY B 330 28.10 -11.23 21.81
C GLY B 330 29.10 -11.05 20.70
N PRO B 331 29.75 -12.15 20.31
CA PRO B 331 30.62 -12.06 19.16
C PRO B 331 29.81 -11.93 17.93
N GLY B 332 30.41 -11.34 16.93
CA GLY B 332 29.79 -11.22 15.62
C GLY B 332 29.44 -9.78 15.29
N ASP B 333 29.20 -9.55 14.01
CA ASP B 333 28.94 -8.23 13.47
C ASP B 333 27.44 -8.09 13.22
N SER B 334 26.81 -7.19 13.96
CA SER B 334 25.35 -7.02 13.93
C SER B 334 24.79 -6.54 12.59
N THR B 335 25.62 -5.93 11.74
CA THR B 335 25.15 -5.58 10.40
C THR B 335 24.87 -6.80 9.53
N LEU B 336 25.21 -8.01 10.00
CA LEU B 336 24.83 -9.26 9.28
C LEU B 336 23.49 -9.86 9.73
N ASP B 337 22.90 -9.33 10.81
CA ASP B 337 21.51 -9.63 11.16
C ASP B 337 20.69 -9.76 9.87
N HIS B 338 19.97 -10.85 9.73
CA HIS B 338 18.87 -10.94 8.76
C HIS B 338 19.27 -10.96 7.27
N THR B 339 20.56 -11.09 6.98
CA THR B 339 21.08 -11.11 5.60
C THR B 339 21.29 -12.54 5.09
N PRO B 340 21.46 -12.72 3.76
CA PRO B 340 21.53 -14.11 3.26
C PRO B 340 22.89 -14.76 3.41
N TYR B 341 23.89 -13.98 3.85
CA TYR B 341 25.25 -14.52 4.01
CA TYR B 341 25.27 -14.46 4.01
C TYR B 341 25.72 -14.33 5.48
N GLU B 342 24.76 -14.37 6.40
CA GLU B 342 25.04 -14.22 7.81
C GLU B 342 26.09 -15.25 8.27
N HIS B 343 27.08 -14.76 9.01
CA HIS B 343 28.17 -15.60 9.52
C HIS B 343 28.98 -14.94 10.63
N VAL B 344 29.72 -15.74 11.38
CA VAL B 344 30.67 -15.22 12.33
C VAL B 344 32.06 -15.82 12.03
N GLU B 345 33.13 -15.05 12.28
CA GLU B 345 34.49 -15.59 12.25
C GLU B 345 34.61 -16.48 13.49
N VAL B 346 35.02 -17.71 13.26
CA VAL B 346 35.29 -18.68 14.32
C VAL B 346 36.21 -18.09 15.39
N ALA B 347 37.28 -17.47 14.97
CA ALA B 347 38.20 -16.91 15.94
C ALA B 347 37.49 -15.84 16.81
N GLU B 348 36.49 -15.15 16.23
CA GLU B 348 35.72 -14.14 16.94
C GLU B 348 34.81 -14.80 17.97
N PHE B 349 34.08 -15.80 17.49
CA PHE B 349 33.23 -16.61 18.34
C PHE B 349 34.02 -17.10 19.55
N LEU B 350 35.27 -17.51 19.34
CA LEU B 350 36.08 -18.07 20.42
C LEU B 350 36.54 -17.01 21.40
N LYS B 351 37.02 -15.88 20.89
CA LYS B 351 37.27 -14.70 21.74
C LYS B 351 36.04 -14.33 22.56
N GLY B 352 34.86 -14.54 21.96
CA GLY B 352 33.60 -14.29 22.59
C GLY B 352 33.40 -15.09 23.85
N ILE B 353 33.66 -16.39 23.75
CA ILE B 353 33.59 -17.26 24.92
C ILE B 353 34.59 -16.80 25.96
N GLU B 354 35.80 -16.54 25.50
CA GLU B 354 36.88 -16.14 26.39
C GLU B 354 36.47 -14.89 27.19
N VAL B 355 35.92 -13.90 26.50
CA VAL B 355 35.44 -12.67 27.17
C VAL B 355 34.32 -12.93 28.15
N LEU B 356 33.31 -13.70 27.76
CA LEU B 356 32.25 -14.02 28.72
C LEU B 356 32.81 -14.64 30.03
N ARG B 357 33.67 -15.65 29.90
CA ARG B 357 34.27 -16.33 31.06
C ARG B 357 35.01 -15.31 31.92
N GLY B 358 35.93 -14.55 31.32
CA GLY B 358 36.69 -13.54 32.06
C GLY B 358 35.81 -12.60 32.87
N ALA B 359 34.73 -12.13 32.23
CA ALA B 359 33.78 -11.20 32.81
C ALA B 359 33.07 -11.80 33.99
N LEU B 360 32.63 -13.04 33.84
CA LEU B 360 32.08 -13.77 34.97
C LEU B 360 33.12 -13.94 36.11
N GLU B 361 34.35 -14.31 35.77
CA GLU B 361 35.38 -14.50 36.79
C GLU B 361 35.60 -13.17 37.55
N ALA B 362 35.76 -12.08 36.79
CA ALA B 362 35.96 -10.74 37.40
C ALA B 362 34.78 -10.29 38.25
N LEU B 363 33.57 -10.56 37.79
CA LEU B 363 32.38 -10.40 38.62
C LEU B 363 32.50 -11.16 39.94
N ALA B 364 32.88 -12.42 39.87
CA ALA B 364 33.02 -13.23 41.06
C ALA B 364 34.18 -12.74 41.93
N GLN B 365 35.27 -12.25 41.33
CA GLN B 365 36.34 -11.68 42.11
C GLN B 365 35.97 -10.34 42.81
N THR B 366 34.71 -9.89 42.74
CA THR B 366 34.19 -8.89 43.71
C THR B 366 32.85 -9.35 44.33
#